data_6TWZ
#
_entry.id   6TWZ
#
_cell.length_a   178.580
_cell.length_b   107.420
_cell.length_c   79.600
_cell.angle_alpha   90.000
_cell.angle_beta   109.289
_cell.angle_gamma   90.000
#
_symmetry.space_group_name_H-M   'C 1 2 1'
#
loop_
_entity.id
_entity.type
_entity.pdbx_description
1 polymer '14-3-3 protein sigma'
2 polymer 'phosphorylated 16E6 peptide'
3 non-polymer 'D(-)-TARTARIC ACID'
4 non-polymer 2-[3-(2-HYDROXY-1,1-DIHYDROXYMETHYL-ETHYLAMINO)-PROPYLAMINO]-2-HYDROXYMETHYL-PROPANE-1,3-DIOL
#
loop_
_entity_poly.entity_id
_entity_poly.type
_entity_poly.pdbx_seq_one_letter_code
_entity_poly.pdbx_strand_id
1 'polypeptide(L)'
;GPHMERASLIQKAKLAEQAERYEDMAAFMKGAVEKGEELSCEERNLLSVAYKNVVGGQRAAWRVLSSIEQKSNEEGSEEK
GPEVREYREKVETELQGVCDTVLGLLDSHLIKEAGDAESRVFYLKMKGDYYRYLAEVATGDDKKRIIDSARSAYQEAMDI
SAAAMPPTNPIRLGLALNFSVFHYEIANSPEEAISLAKTTFDEAMADLHTLSEDSYKDSTLIMQLLRDNLTLWT
;
A,B,C,D
2 'polypeptide(L)' SSRTRRE(TPO)QL E,F,G,D000
#
# COMPACT_ATOMS: atom_id res chain seq x y z
N PRO A 2 -24.65 23.04 27.55
CA PRO A 2 -23.26 22.86 27.99
C PRO A 2 -22.77 21.41 27.92
N HIS A 3 -23.65 20.47 27.58
CA HIS A 3 -23.26 19.08 27.39
C HIS A 3 -23.22 18.68 25.92
N MET A 4 -23.22 19.67 25.01
CA MET A 4 -23.02 19.44 23.59
C MET A 4 -21.70 19.99 23.11
N GLU A 5 -21.10 20.92 23.89
CA GLU A 5 -19.74 21.36 23.64
C GLU A 5 -18.72 20.30 24.03
N ARG A 6 -19.00 19.51 25.06
CA ARG A 6 -18.03 18.51 25.53
C ARG A 6 -17.66 17.52 24.43
N ALA A 7 -18.63 17.12 23.60
CA ALA A 7 -18.32 16.20 22.52
C ALA A 7 -17.43 16.85 21.46
N SER A 8 -17.59 18.16 21.24
CA SER A 8 -16.76 18.86 20.27
C SER A 8 -15.33 19.02 20.78
N LEU A 9 -15.15 19.18 22.10
CA LEU A 9 -13.81 19.33 22.64
C LEU A 9 -13.00 18.05 22.51
N ILE A 10 -13.64 16.90 22.71
CA ILE A 10 -12.94 15.63 22.54
C ILE A 10 -12.66 15.38 21.06
N GLN A 11 -13.55 15.81 20.18
CA GLN A 11 -13.32 15.66 18.74
C GLN A 11 -12.12 16.46 18.28
N LYS A 12 -11.99 17.70 18.78
CA LYS A 12 -10.85 18.54 18.39
C LYS A 12 -9.56 18.06 19.03
N ALA A 13 -9.65 17.40 20.18
CA ALA A 13 -8.45 16.82 20.79
C ALA A 13 -7.89 15.69 19.95
N LYS A 14 -8.78 14.85 19.39
CA LYS A 14 -8.32 13.78 18.51
C LYS A 14 -7.72 14.35 17.23
N LEU A 15 -8.30 15.42 16.70
CA LEU A 15 -7.75 16.07 15.52
C LEU A 15 -6.39 16.69 15.82
N ALA A 16 -6.26 17.35 16.97
CA ALA A 16 -4.97 17.93 17.36
C ALA A 16 -3.91 16.85 17.55
N GLU A 17 -4.32 15.65 17.97
CA GLU A 17 -3.35 14.57 18.12
C GLU A 17 -2.87 14.07 16.76
N GLN A 18 -3.78 13.99 15.78
CA GLN A 18 -3.37 13.63 14.43
C GLN A 18 -2.44 14.68 13.85
N ALA A 19 -2.69 15.95 14.17
CA ALA A 19 -1.86 17.05 13.70
C ALA A 19 -0.67 17.33 14.60
N GLU A 20 -0.49 16.52 15.65
CA GLU A 20 0.62 16.67 16.59
C GLU A 20 0.65 18.06 17.21
N ARG A 21 -0.52 18.62 17.49
CA ARG A 21 -0.66 19.90 18.17
C ARG A 21 -1.06 19.63 19.62
N TYR A 22 -0.07 19.27 20.43
CA TYR A 22 -0.34 18.75 21.76
C TYR A 22 -0.68 19.86 22.76
N GLU A 23 -0.20 21.08 22.54
CA GLU A 23 -0.64 22.19 23.39
C GLU A 23 -2.11 22.52 23.15
N ASP A 24 -2.54 22.49 21.89
CA ASP A 24 -3.97 22.61 21.61
C ASP A 24 -4.73 21.40 22.14
N MET A 25 -4.17 20.19 21.95
CA MET A 25 -4.79 18.97 22.45
C MET A 25 -5.00 19.05 23.96
N ALA A 26 -3.98 19.52 24.69
CA ALA A 26 -4.10 19.66 26.13
C ALA A 26 -5.18 20.69 26.49
N ALA A 27 -5.22 21.81 25.75
CA ALA A 27 -6.25 22.81 25.99
C ALA A 27 -7.64 22.24 25.74
N PHE A 28 -7.79 21.44 24.68
CA PHE A 28 -9.08 20.81 24.39
C PHE A 28 -9.46 19.83 25.48
N MET A 29 -8.51 19.01 25.95
CA MET A 29 -8.81 18.06 27.00
C MET A 29 -9.05 18.75 28.34
N LYS A 30 -8.35 19.85 28.60
CA LYS A 30 -8.63 20.62 29.81
C LYS A 30 -10.07 21.12 29.82
N GLY A 31 -10.55 21.63 28.70
CA GLY A 31 -11.94 22.06 28.62
C GLY A 31 -12.93 20.92 28.72
N ALA A 32 -12.56 19.73 28.25
CA ALA A 32 -13.45 18.58 28.35
C ALA A 32 -13.57 18.11 29.79
N VAL A 33 -12.47 18.13 30.55
CA VAL A 33 -12.52 17.75 31.95
C VAL A 33 -13.35 18.74 32.75
N GLU A 34 -13.17 20.04 32.50
CA GLU A 34 -13.89 21.07 33.22
C GLU A 34 -15.40 21.00 33.01
N LYS A 35 -15.88 20.22 32.04
CA LYS A 35 -17.32 20.04 31.87
C LYS A 35 -17.95 19.32 33.06
N GLY A 36 -17.17 18.58 33.84
CA GLY A 36 -17.66 17.95 35.04
C GLY A 36 -17.89 16.46 34.93
N GLU A 37 -17.97 15.92 33.72
CA GLU A 37 -18.22 14.50 33.55
C GLU A 37 -16.94 13.69 33.71
N GLU A 38 -17.11 12.42 34.04
CA GLU A 38 -15.98 11.51 34.17
C GLU A 38 -15.37 11.23 32.80
N LEU A 39 -14.09 10.85 32.81
CA LEU A 39 -13.38 10.48 31.60
C LEU A 39 -13.34 8.97 31.46
N SER A 40 -13.50 8.49 30.24
CA SER A 40 -13.37 7.07 29.95
C SER A 40 -11.88 6.72 29.83
N CYS A 41 -11.60 5.45 29.55
CA CYS A 41 -10.21 5.03 29.35
C CYS A 41 -9.59 5.76 28.17
N GLU A 42 -10.34 5.93 27.08
CA GLU A 42 -9.86 6.70 25.94
C GLU A 42 -9.61 8.15 26.34
N GLU A 43 -10.62 8.78 26.97
CA GLU A 43 -10.47 10.20 27.34
C GLU A 43 -9.40 10.39 28.40
N ARG A 44 -9.17 9.40 29.25
CA ARG A 44 -8.06 9.48 30.20
C ARG A 44 -6.73 9.55 29.47
N ASN A 45 -6.56 8.73 28.43
CA ASN A 45 -5.29 8.69 27.72
C ASN A 45 -5.10 9.95 26.86
N LEU A 46 -6.18 10.45 26.27
CA LEU A 46 -6.08 11.70 25.52
C LEU A 46 -5.58 12.84 26.40
N LEU A 47 -6.11 12.92 27.63
CA LEU A 47 -5.64 13.94 28.57
C LEU A 47 -4.18 13.73 28.95
N SER A 48 -3.79 12.47 29.22
CA SER A 48 -2.44 12.20 29.68
C SER A 48 -1.42 12.35 28.54
N VAL A 49 -1.75 11.80 27.37
CA VAL A 49 -0.84 11.90 26.22
C VAL A 49 -0.59 13.37 25.86
N ALA A 50 -1.64 14.18 25.89
CA ALA A 50 -1.52 15.58 25.51
C ALA A 50 -0.51 16.30 26.42
N TYR A 51 -0.72 16.23 27.73
CA TYR A 51 0.13 17.00 28.64
C TYR A 51 1.52 16.39 28.78
N LYS A 52 1.66 15.07 28.58
CA LYS A 52 2.98 14.46 28.67
C LYS A 52 3.89 14.95 27.54
N ASN A 53 3.33 15.13 26.34
CA ASN A 53 4.12 15.67 25.24
C ASN A 53 4.50 17.12 25.50
N VAL A 54 3.56 17.91 26.04
CA VAL A 54 3.84 19.33 26.29
C VAL A 54 4.93 19.47 27.35
N VAL A 55 4.74 18.84 28.51
CA VAL A 55 5.75 18.95 29.55
C VAL A 55 7.00 18.17 29.17
N GLY A 56 6.86 17.14 28.33
CA GLY A 56 8.02 16.37 27.91
C GLY A 56 9.01 17.19 27.09
N GLY A 57 8.49 18.03 26.19
CA GLY A 57 9.36 18.91 25.44
C GLY A 57 9.94 20.03 26.28
N GLN A 58 9.19 20.48 27.29
CA GLN A 58 9.71 21.51 28.18
C GLN A 58 10.79 20.94 29.10
N ARG A 59 10.62 19.70 29.55
CA ARG A 59 11.66 19.07 30.36
C ARG A 59 12.94 18.86 29.58
N ALA A 60 12.82 18.40 28.33
CA ALA A 60 14.01 18.20 27.51
C ALA A 60 14.74 19.51 27.26
N ALA A 61 13.98 20.59 27.05
CA ALA A 61 14.59 21.91 26.89
C ALA A 61 15.25 22.37 28.18
N TRP A 62 14.60 22.12 29.33
CA TRP A 62 15.16 22.51 30.61
C TRP A 62 16.47 21.79 30.88
N ARG A 63 16.54 20.50 30.53
CA ARG A 63 17.76 19.74 30.75
C ARG A 63 18.90 20.25 29.87
N VAL A 64 18.59 20.63 28.64
CA VAL A 64 19.62 21.17 27.75
C VAL A 64 20.16 22.49 28.28
N LEU A 65 19.27 23.40 28.67
CA LEU A 65 19.70 24.69 29.19
C LEU A 65 20.42 24.57 30.52
N SER A 66 20.03 23.60 31.35
CA SER A 66 20.68 23.43 32.65
C SER A 66 22.11 22.90 32.49
N SER A 67 22.31 21.97 31.57
CA SER A 67 23.66 21.47 31.32
C SER A 67 24.57 22.57 30.78
N ILE A 68 24.03 23.43 29.91
CA ILE A 68 24.80 24.57 29.41
C ILE A 68 25.11 25.53 30.55
N GLU A 69 24.16 25.74 31.46
CA GLU A 69 24.38 26.64 32.58
C GLU A 69 25.46 26.11 33.51
N GLN A 70 25.52 24.79 33.69
CA GLN A 70 26.55 24.21 34.53
C GLN A 70 27.94 24.42 33.93
N LYS A 71 28.05 24.25 32.60
CA LYS A 71 29.33 24.47 31.94
C LYS A 71 29.70 25.94 31.92
N SER A 72 28.72 26.82 31.73
CA SER A 72 29.01 28.25 31.68
C SER A 72 29.43 28.79 33.04
N ASN A 73 28.99 28.17 34.13
CA ASN A 73 29.43 28.58 35.46
C ASN A 73 30.66 27.80 35.91
N GLU A 74 31.17 26.92 35.06
CA GLU A 74 32.39 26.15 35.26
C GLU A 74 33.55 26.65 34.42
N GLU A 75 33.29 26.82 33.12
CA GLU A 75 34.34 27.17 32.16
C GLU A 75 34.97 28.53 32.47
N GLY A 76 34.15 29.55 32.67
CA GLY A 76 34.66 30.89 32.90
C GLY A 76 33.86 31.93 32.16
N SER A 77 32.80 31.50 31.48
CA SER A 77 31.92 32.40 30.74
C SER A 77 31.13 33.25 31.73
N GLU A 78 31.42 34.55 31.76
CA GLU A 78 30.72 35.50 32.63
C GLU A 78 29.55 36.18 31.94
N GLU A 79 29.77 36.73 30.74
CA GLU A 79 28.67 37.37 30.01
C GLU A 79 27.68 36.36 29.45
N LYS A 80 28.07 35.09 29.28
CA LYS A 80 27.15 34.07 28.82
C LYS A 80 26.16 33.67 29.92
N GLY A 81 26.52 33.93 31.18
CA GLY A 81 25.79 33.57 32.36
C GLY A 81 24.37 34.12 32.43
N PRO A 82 24.21 35.43 32.19
CA PRO A 82 22.85 36.01 32.29
C PRO A 82 21.89 35.50 31.23
N GLU A 83 22.33 35.38 29.97
CA GLU A 83 21.42 34.90 28.94
C GLU A 83 20.91 33.49 29.26
N VAL A 84 21.81 32.60 29.69
CA VAL A 84 21.43 31.23 29.97
C VAL A 84 20.53 31.16 31.20
N ARG A 85 20.90 31.89 32.26
CA ARG A 85 20.08 31.88 33.48
C ARG A 85 18.69 32.41 33.23
N GLU A 86 18.59 33.52 32.48
CA GLU A 86 17.28 34.10 32.20
C GLU A 86 16.42 33.17 31.35
N TYR A 87 17.01 32.57 30.31
CA TYR A 87 16.22 31.74 29.41
C TYR A 87 15.86 30.40 30.05
N ARG A 88 16.77 29.83 30.85
CA ARG A 88 16.43 28.61 31.57
C ARG A 88 15.33 28.86 32.58
N GLU A 89 15.35 30.02 33.24
CA GLU A 89 14.32 30.35 34.21
C GLU A 89 12.98 30.58 33.54
N LYS A 90 12.97 31.12 32.32
CA LYS A 90 11.71 31.31 31.61
C LYS A 90 11.11 29.96 31.22
N VAL A 91 11.93 29.04 30.72
CA VAL A 91 11.46 27.69 30.43
C VAL A 91 11.05 26.98 31.71
N GLU A 92 11.78 27.22 32.80
CA GLU A 92 11.42 26.64 34.09
C GLU A 92 10.06 27.12 34.56
N THR A 93 9.72 28.37 34.26
CA THR A 93 8.43 28.91 34.66
C THR A 93 7.30 28.31 33.83
N GLU A 94 7.51 28.16 32.52
CA GLU A 94 6.49 27.55 31.68
C GLU A 94 6.22 26.11 32.09
N LEU A 95 7.27 25.36 32.44
CA LEU A 95 7.10 23.99 32.90
C LEU A 95 6.31 23.93 34.19
N GLN A 96 6.65 24.80 35.14
CA GLN A 96 5.92 24.84 36.40
C GLN A 96 4.47 25.27 36.20
N GLY A 97 4.23 26.17 35.25
CA GLY A 97 2.86 26.57 34.96
C GLY A 97 2.02 25.43 34.41
N VAL A 98 2.62 24.58 33.57
CA VAL A 98 1.90 23.45 33.01
C VAL A 98 1.58 22.41 34.09
N CYS A 99 2.55 22.13 34.96
CA CYS A 99 2.32 21.16 36.03
C CYS A 99 1.24 21.63 36.99
N ASP A 100 1.20 22.93 37.26
CA ASP A 100 0.14 23.46 38.13
C ASP A 100 -1.22 23.30 37.48
N THR A 101 -1.30 23.38 36.15
CA THR A 101 -2.57 23.15 35.47
C THR A 101 -3.00 21.70 35.58
N VAL A 102 -2.07 20.76 35.36
CA VAL A 102 -2.39 19.35 35.47
C VAL A 102 -2.82 19.00 36.90
N LEU A 103 -1.99 19.37 37.88
CA LEU A 103 -2.32 19.11 39.27
C LEU A 103 -3.60 19.81 39.69
N GLY A 104 -3.92 20.95 39.06
CA GLY A 104 -5.18 21.61 39.34
C GLY A 104 -6.38 20.81 38.86
N LEU A 105 -6.29 20.26 37.65
CA LEU A 105 -7.39 19.43 37.13
C LEU A 105 -7.55 18.16 37.94
N LEU A 106 -6.44 17.59 38.42
CA LEU A 106 -6.50 16.35 39.18
C LEU A 106 -7.20 16.54 40.52
N ASP A 107 -6.80 17.56 41.27
CA ASP A 107 -7.32 17.75 42.61
C ASP A 107 -8.74 18.30 42.62
N SER A 108 -9.15 19.01 41.56
CA SER A 108 -10.43 19.70 41.55
C SER A 108 -11.51 18.98 40.74
N HIS A 109 -11.16 17.95 39.97
CA HIS A 109 -12.16 17.29 39.13
C HIS A 109 -11.92 15.79 39.25
N LEU A 110 -10.78 15.32 38.73
CA LEU A 110 -10.58 13.94 38.32
C LEU A 110 -10.49 12.99 39.52
N ILE A 111 -9.58 13.28 40.45
CA ILE A 111 -9.33 12.36 41.56
C ILE A 111 -10.57 12.22 42.43
N LYS A 112 -11.30 13.32 42.64
CA LYS A 112 -12.48 13.27 43.49
C LYS A 112 -13.54 12.33 42.95
N GLU A 113 -14.08 12.63 41.76
CA GLU A 113 -15.13 11.82 41.16
C GLU A 113 -14.53 10.77 40.24
N ALA A 114 -13.80 9.84 40.85
CA ALA A 114 -13.22 8.69 40.16
C ALA A 114 -14.02 7.45 40.54
N GLY A 115 -14.67 6.85 39.55
CA GLY A 115 -15.59 5.76 39.81
C GLY A 115 -14.95 4.44 40.23
N ASP A 116 -14.05 3.92 39.42
CA ASP A 116 -13.46 2.62 39.69
C ASP A 116 -12.03 2.78 40.22
N ALA A 117 -11.44 1.65 40.63
CA ALA A 117 -10.08 1.67 41.13
C ALA A 117 -9.07 1.95 40.02
N GLU A 118 -9.35 1.48 38.80
CA GLU A 118 -8.43 1.65 37.70
C GLU A 118 -8.19 3.13 37.40
N SER A 119 -9.26 3.91 37.34
CA SER A 119 -9.12 5.35 37.10
C SER A 119 -8.47 6.06 38.26
N ARG A 120 -8.78 5.65 39.50
CA ARG A 120 -8.21 6.32 40.66
C ARG A 120 -6.70 6.09 40.75
N VAL A 121 -6.25 4.90 40.38
CA VAL A 121 -4.81 4.64 40.32
C VAL A 121 -4.18 5.44 39.18
N PHE A 122 -4.87 5.54 38.04
CA PHE A 122 -4.37 6.30 36.92
C PHE A 122 -4.17 7.77 37.29
N TYR A 123 -5.17 8.38 37.94
CA TYR A 123 -5.08 9.79 38.29
C TYR A 123 -4.06 10.04 39.39
N LEU A 124 -4.03 9.16 40.40
CA LEU A 124 -3.05 9.33 41.47
C LEU A 124 -1.63 9.14 40.96
N LYS A 125 -1.44 8.26 39.97
CA LYS A 125 -0.12 8.14 39.36
C LYS A 125 0.27 9.41 38.62
N MET A 126 -0.70 10.05 37.95
CA MET A 126 -0.43 11.34 37.31
C MET A 126 -0.03 12.39 38.33
N LYS A 127 -0.75 12.44 39.47
CA LYS A 127 -0.43 13.43 40.50
C LYS A 127 1.00 13.26 41.00
N GLY A 128 1.43 12.01 41.23
CA GLY A 128 2.80 11.78 41.61
C GLY A 128 3.79 12.13 40.51
N ASP A 129 3.40 11.89 39.25
CA ASP A 129 4.29 12.19 38.13
C ASP A 129 4.54 13.68 38.01
N TYR A 130 3.48 14.49 38.03
CA TYR A 130 3.63 15.92 37.81
C TYR A 130 4.13 16.66 39.05
N TYR A 131 4.01 16.06 40.24
CA TYR A 131 4.77 16.57 41.37
C TYR A 131 6.25 16.23 41.24
N ARG A 132 6.54 15.04 40.70
CA ARG A 132 7.93 14.67 40.47
C ARG A 132 8.58 15.58 39.44
N TYR A 133 7.82 15.99 38.42
CA TYR A 133 8.36 16.92 37.43
C TYR A 133 8.64 18.28 38.05
N LEU A 134 7.81 18.71 39.00
CA LEU A 134 8.10 19.96 39.72
C LEU A 134 9.34 19.82 40.59
N ALA A 135 9.53 18.67 41.22
CA ALA A 135 10.70 18.45 42.05
C ALA A 135 11.99 18.40 41.23
N GLU A 136 11.89 18.09 39.93
CA GLU A 136 13.08 18.09 39.08
C GLU A 136 13.66 19.49 38.93
N VAL A 137 12.82 20.52 39.02
CA VAL A 137 13.28 21.91 38.88
C VAL A 137 13.21 22.68 40.18
N ALA A 138 12.56 22.16 41.21
CA ALA A 138 12.45 22.86 42.48
C ALA A 138 13.81 22.91 43.18
N THR A 139 13.94 23.84 44.12
CA THR A 139 15.23 24.11 44.75
C THR A 139 15.22 23.83 46.25
N GLY A 140 14.64 24.72 47.04
CA GLY A 140 14.78 24.64 48.49
C GLY A 140 13.53 24.32 49.27
N ASP A 141 12.94 25.34 49.90
CA ASP A 141 11.78 25.14 50.75
C ASP A 141 10.63 24.50 49.98
N ASP A 142 10.39 24.96 48.76
CA ASP A 142 9.32 24.38 47.96
C ASP A 142 9.61 22.93 47.61
N LYS A 143 10.86 22.61 47.31
CA LYS A 143 11.24 21.26 46.87
C LYS A 143 10.87 20.22 47.92
N LYS A 144 11.25 20.47 49.18
CA LYS A 144 11.08 19.46 50.22
C LYS A 144 9.60 19.11 50.42
N ARG A 145 8.71 20.10 50.31
CA ARG A 145 7.28 19.82 50.43
C ARG A 145 6.75 19.12 49.19
N ILE A 146 7.33 19.39 48.02
CA ILE A 146 6.86 18.76 46.79
C ILE A 146 7.21 17.28 46.78
N ILE A 147 8.40 16.93 47.26
CA ILE A 147 8.80 15.52 47.30
C ILE A 147 7.86 14.73 48.19
N ASP A 148 7.40 15.35 49.28
CA ASP A 148 6.44 14.68 50.17
C ASP A 148 5.08 14.51 49.49
N SER A 149 4.68 15.49 48.68
CA SER A 149 3.39 15.39 47.99
C SER A 149 3.42 14.30 46.92
N ALA A 150 4.55 14.13 46.24
CA ALA A 150 4.64 13.07 45.23
C ALA A 150 4.62 11.69 45.88
N ARG A 151 5.33 11.52 46.99
CA ARG A 151 5.33 10.23 47.68
C ARG A 151 3.92 9.87 48.17
N SER A 152 3.19 10.86 48.68
CA SER A 152 1.83 10.61 49.16
C SER A 152 0.92 10.16 48.03
N ALA A 153 0.99 10.84 46.89
CA ALA A 153 0.18 10.46 45.74
C ALA A 153 0.60 9.10 45.19
N TYR A 154 1.91 8.86 45.08
CA TYR A 154 2.40 7.58 44.61
C TYR A 154 2.00 6.44 45.55
N GLN A 155 2.19 6.65 46.86
CA GLN A 155 1.92 5.59 47.83
C GLN A 155 0.45 5.22 47.86
N GLU A 156 -0.44 6.21 47.78
CA GLU A 156 -1.88 5.91 47.77
C GLU A 156 -2.27 5.08 46.57
N ALA A 157 -1.62 5.33 45.42
CA ALA A 157 -1.90 4.52 44.24
C ALA A 157 -1.32 3.12 44.38
N MET A 158 -0.16 3.00 45.02
CA MET A 158 0.43 1.68 45.25
C MET A 158 -0.47 0.82 46.12
N ASP A 159 -1.07 1.41 47.16
CA ASP A 159 -1.92 0.64 48.07
C ASP A 159 -3.18 0.18 47.36
N ILE A 160 -3.79 1.05 46.55
CA ILE A 160 -5.01 0.66 45.83
C ILE A 160 -4.71 -0.42 44.80
N SER A 161 -3.63 -0.24 44.03
CA SER A 161 -3.29 -1.22 43.00
C SER A 161 -2.91 -2.57 43.59
N ALA A 162 -2.28 -2.58 44.77
CA ALA A 162 -1.85 -3.84 45.36
C ALA A 162 -3.05 -4.70 45.75
N ALA A 163 -4.13 -4.08 46.20
CA ALA A 163 -5.32 -4.80 46.65
C ALA A 163 -6.37 -4.96 45.56
N ALA A 164 -6.24 -4.27 44.43
CA ALA A 164 -7.28 -4.24 43.42
C ALA A 164 -6.83 -4.65 42.03
N MET A 165 -5.54 -4.87 41.82
CA MET A 165 -5.01 -5.13 40.49
C MET A 165 -4.06 -6.32 40.53
N PRO A 166 -4.03 -7.12 39.47
CA PRO A 166 -3.03 -8.18 39.38
C PRO A 166 -1.65 -7.58 39.17
N PRO A 167 -0.59 -8.30 39.57
CA PRO A 167 0.76 -7.74 39.42
C PRO A 167 1.20 -7.57 37.97
N THR A 168 0.44 -8.08 37.00
CA THR A 168 0.75 -7.89 35.59
C THR A 168 0.01 -6.72 34.98
N ASN A 169 -0.86 -6.05 35.72
CA ASN A 169 -1.63 -4.93 35.21
C ASN A 169 -0.69 -3.81 34.76
N PRO A 170 -0.76 -3.36 33.51
CA PRO A 170 0.19 -2.34 33.03
C PRO A 170 0.15 -1.04 33.82
N ILE A 171 -1.00 -0.68 34.37
CA ILE A 171 -1.07 0.55 35.17
C ILE A 171 -0.31 0.37 36.48
N ARG A 172 -0.46 -0.80 37.12
CA ARG A 172 0.30 -1.06 38.34
C ARG A 172 1.79 -1.14 38.06
N LEU A 173 2.18 -1.73 36.91
CA LEU A 173 3.58 -1.81 36.55
C LEU A 173 4.17 -0.44 36.28
N GLY A 174 3.52 0.34 35.42
CA GLY A 174 4.00 1.69 35.13
C GLY A 174 4.02 2.58 36.35
N LEU A 175 3.08 2.39 37.27
CA LEU A 175 3.09 3.13 38.52
C LEU A 175 4.34 2.82 39.33
N ALA A 176 4.65 1.54 39.52
CA ALA A 176 5.84 1.16 40.25
C ALA A 176 7.12 1.57 39.53
N LEU A 177 7.11 1.55 38.20
CA LEU A 177 8.27 1.99 37.44
C LEU A 177 8.57 3.46 37.72
N ASN A 178 7.54 4.31 37.64
CA ASN A 178 7.73 5.74 37.90
C ASN A 178 8.02 6.00 39.37
N PHE A 179 7.44 5.19 40.28
CA PHE A 179 7.72 5.36 41.70
C PHE A 179 9.15 5.00 42.02
N SER A 180 9.68 3.95 41.41
CA SER A 180 11.08 3.58 41.64
C SER A 180 12.02 4.67 41.13
N VAL A 181 11.68 5.29 40.00
CA VAL A 181 12.48 6.42 39.52
C VAL A 181 12.39 7.58 40.51
N PHE A 182 11.21 7.80 41.09
CA PHE A 182 11.07 8.82 42.13
C PHE A 182 12.00 8.55 43.30
N HIS A 183 12.08 7.29 43.74
CA HIS A 183 12.99 6.93 44.83
C HIS A 183 14.44 7.18 44.43
N TYR A 184 14.81 6.80 43.21
CA TYR A 184 16.21 6.89 42.79
C TYR A 184 16.62 8.34 42.56
N GLU A 185 15.86 9.08 41.75
CA GLU A 185 16.27 10.41 41.34
C GLU A 185 15.91 11.47 42.39
N ILE A 186 14.67 11.46 42.86
CA ILE A 186 14.17 12.58 43.66
C ILE A 186 14.37 12.33 45.15
N ALA A 187 13.92 11.19 45.65
CA ALA A 187 14.00 10.90 47.08
C ALA A 187 15.40 10.46 47.51
N ASN A 188 16.31 10.24 46.57
CA ASN A 188 17.68 9.83 46.87
C ASN A 188 17.71 8.54 47.66
N SER A 189 16.86 7.59 47.28
CA SER A 189 16.75 6.28 47.92
C SER A 189 17.00 5.20 46.86
N PRO A 190 18.25 4.98 46.48
CA PRO A 190 18.52 3.97 45.44
C PRO A 190 18.20 2.55 45.90
N GLU A 191 18.35 2.26 47.20
CA GLU A 191 18.03 0.92 47.69
C GLU A 191 16.53 0.65 47.62
N GLU A 192 15.71 1.65 47.95
CA GLU A 192 14.27 1.50 47.80
C GLU A 192 13.86 1.47 46.34
N ALA A 193 14.56 2.22 45.49
CA ALA A 193 14.27 2.23 44.06
C ALA A 193 14.52 0.85 43.45
N ILE A 194 15.67 0.27 43.77
CA ILE A 194 16.01 -1.05 43.22
C ILE A 194 15.10 -2.12 43.84
N SER A 195 14.83 -2.02 45.13
CA SER A 195 13.95 -3.00 45.79
C SER A 195 12.56 -2.97 45.18
N LEU A 196 12.01 -1.78 44.95
CA LEU A 196 10.69 -1.68 44.33
C LEU A 196 10.72 -2.21 42.90
N ALA A 197 11.76 -1.88 42.16
CA ALA A 197 11.86 -2.37 40.78
C ALA A 197 12.07 -3.88 40.76
N LYS A 198 12.86 -4.40 41.71
CA LYS A 198 13.05 -5.84 41.81
C LYS A 198 11.75 -6.54 42.14
N THR A 199 11.07 -6.08 43.20
CA THR A 199 9.81 -6.69 43.61
C THR A 199 8.75 -6.60 42.51
N THR A 200 8.66 -5.43 41.85
CA THR A 200 7.69 -5.26 40.78
C THR A 200 7.96 -6.24 39.65
N PHE A 201 9.24 -6.39 39.27
CA PHE A 201 9.58 -7.34 38.22
C PHE A 201 9.34 -8.77 38.69
N ASP A 202 9.76 -9.08 39.92
CA ASP A 202 9.64 -10.44 40.50
C ASP A 202 8.19 -10.90 40.55
N GLU A 203 7.31 -10.09 41.14
CA GLU A 203 5.90 -10.46 41.30
C GLU A 203 5.19 -10.52 39.95
N ALA A 204 5.54 -9.62 39.03
CA ALA A 204 4.98 -9.70 37.68
C ALA A 204 5.55 -10.90 36.93
N MET A 205 6.82 -11.24 37.19
CA MET A 205 7.43 -12.38 36.51
C MET A 205 6.76 -13.69 36.90
N ALA A 206 6.39 -13.82 38.18
CA ALA A 206 5.78 -15.06 38.63
C ALA A 206 4.47 -15.33 37.92
N ASP A 207 3.74 -14.27 37.56
CA ASP A 207 2.43 -14.39 36.93
C ASP A 207 2.48 -14.08 35.43
N LEU A 208 3.65 -14.17 34.80
CA LEU A 208 3.72 -13.82 33.38
C LEU A 208 2.99 -14.82 32.50
N HIS A 209 2.99 -16.11 32.86
CA HIS A 209 2.34 -17.09 32.00
C HIS A 209 0.82 -16.95 32.04
N THR A 210 0.29 -16.31 33.09
CA THR A 210 -1.13 -16.08 33.30
C THR A 210 -1.65 -14.82 32.62
N LEU A 211 -0.80 -14.07 31.93
CA LEU A 211 -1.21 -12.79 31.36
C LEU A 211 -2.26 -13.00 30.29
N SER A 212 -3.05 -11.95 30.04
CA SER A 212 -4.03 -12.04 28.96
C SER A 212 -3.40 -11.65 27.64
N GLU A 213 -4.04 -12.11 26.55
CA GLU A 213 -3.46 -11.99 25.21
C GLU A 213 -3.23 -10.53 24.80
N ASP A 214 -4.22 -9.67 25.03
CA ASP A 214 -4.11 -8.27 24.64
C ASP A 214 -3.29 -7.45 25.62
N SER A 215 -2.99 -7.99 26.80
CA SER A 215 -2.13 -7.34 27.77
C SER A 215 -0.65 -7.65 27.58
N TYR A 216 -0.32 -8.61 26.70
CA TYR A 216 1.09 -8.97 26.47
C TYR A 216 1.92 -7.76 26.07
N LYS A 217 1.48 -7.02 25.05
CA LYS A 217 2.33 -5.97 24.48
C LYS A 217 2.60 -4.84 25.47
N ASP A 218 1.60 -4.46 26.27
CA ASP A 218 1.81 -3.36 27.20
C ASP A 218 2.60 -3.78 28.44
N SER A 219 2.36 -5.00 28.93
CA SER A 219 3.01 -5.44 30.16
C SER A 219 4.48 -5.77 29.93
N THR A 220 4.79 -6.54 28.88
CA THR A 220 6.18 -6.91 28.64
C THR A 220 7.03 -5.70 28.30
N LEU A 221 6.41 -4.64 27.77
CA LEU A 221 7.15 -3.41 27.51
C LEU A 221 7.63 -2.77 28.81
N ILE A 222 6.75 -2.67 29.80
CA ILE A 222 7.11 -2.02 31.06
C ILE A 222 8.10 -2.88 31.83
N MET A 223 7.97 -4.20 31.76
CA MET A 223 8.94 -5.07 32.42
C MET A 223 10.34 -4.89 31.83
N GLN A 224 10.42 -4.59 30.53
CA GLN A 224 11.71 -4.29 29.93
C GLN A 224 12.28 -2.99 30.49
N LEU A 225 11.42 -1.99 30.70
CA LEU A 225 11.86 -0.73 31.29
C LEU A 225 12.32 -0.93 32.72
N LEU A 226 11.62 -1.77 33.48
CA LEU A 226 12.07 -2.13 34.82
C LEU A 226 13.45 -2.77 34.78
N ARG A 227 13.66 -3.71 33.85
CA ARG A 227 14.96 -4.35 33.73
C ARG A 227 16.03 -3.38 33.24
N ASP A 228 15.65 -2.43 32.37
CA ASP A 228 16.61 -1.45 31.88
C ASP A 228 17.12 -0.56 33.01
N ASN A 229 16.20 -0.07 33.85
CA ASN A 229 16.62 0.77 34.98
C ASN A 229 17.42 -0.04 35.99
N LEU A 230 17.02 -1.28 36.25
CA LEU A 230 17.79 -2.14 37.14
C LEU A 230 19.19 -2.38 36.60
N THR A 231 19.30 -2.57 35.28
CA THR A 231 20.62 -2.71 34.66
C THR A 231 21.44 -1.43 34.83
N LEU A 232 20.77 -0.27 34.76
CA LEU A 232 21.47 1.00 34.90
C LEU A 232 21.84 1.30 36.34
N TRP A 233 20.99 0.91 37.29
CA TRP A 233 21.19 1.25 38.69
C TRP A 233 22.07 0.25 39.43
N THR A 234 22.27 -0.94 38.89
CA THR A 234 23.06 -1.96 39.56
C THR A 234 24.31 -2.31 38.75
N HIS B 3 22.15 48.55 22.64
CA HIS B 3 23.61 48.64 22.74
C HIS B 3 24.22 47.25 22.65
N MET B 4 24.36 46.57 23.78
CA MET B 4 24.83 45.19 23.76
C MET B 4 23.75 44.20 24.18
N GLU B 5 22.48 44.59 24.08
CA GLU B 5 21.42 43.62 24.23
C GLU B 5 21.24 42.79 22.96
N ARG B 6 21.59 43.36 21.81
CA ARG B 6 21.48 42.64 20.54
C ARG B 6 22.28 41.35 20.56
N ALA B 7 23.46 41.37 21.18
CA ALA B 7 24.24 40.15 21.28
C ALA B 7 23.56 39.11 22.17
N SER B 8 22.83 39.56 23.19
CA SER B 8 22.11 38.63 24.06
C SER B 8 20.94 37.98 23.33
N LEU B 9 20.28 38.71 22.42
CA LEU B 9 19.16 38.15 21.68
C LEU B 9 19.63 37.05 20.73
N ILE B 10 20.78 37.27 20.08
CA ILE B 10 21.33 36.25 19.19
C ILE B 10 21.85 35.05 19.99
N GLN B 11 22.42 35.32 21.16
CA GLN B 11 22.91 34.23 22.01
C GLN B 11 21.75 33.35 22.49
N LYS B 12 20.63 33.98 22.87
CA LYS B 12 19.49 33.19 23.33
C LYS B 12 18.81 32.47 22.17
N ALA B 13 18.96 32.99 20.95
CA ALA B 13 18.43 32.27 19.80
C ALA B 13 19.20 30.99 19.56
N LYS B 14 20.53 31.03 19.74
CA LYS B 14 21.34 29.82 19.62
C LYS B 14 20.99 28.82 20.71
N LEU B 15 20.70 29.29 21.92
CA LEU B 15 20.26 28.39 22.98
C LEU B 15 18.92 27.76 22.66
N ALA B 16 17.98 28.56 22.13
CA ALA B 16 16.69 28.01 21.74
C ALA B 16 16.82 26.99 20.62
N GLU B 17 17.81 27.17 19.75
CA GLU B 17 18.05 26.19 18.68
C GLU B 17 18.60 24.89 19.25
N GLN B 18 19.49 24.98 20.23
CA GLN B 18 20.01 23.78 20.88
C GLN B 18 18.90 23.04 21.61
N ALA B 19 17.97 23.77 22.21
CA ALA B 19 16.85 23.18 22.93
C ALA B 19 15.65 22.89 22.04
N GLU B 20 15.77 23.12 20.73
CA GLU B 20 14.68 22.90 19.77
C GLU B 20 13.42 23.67 20.17
N ARG B 21 13.62 24.89 20.68
CA ARG B 21 12.53 25.82 20.98
C ARG B 21 12.51 26.86 19.87
N TYR B 22 11.93 26.47 18.73
CA TYR B 22 12.04 27.29 17.52
C TYR B 22 11.11 28.50 17.54
N GLU B 23 9.99 28.43 18.28
CA GLU B 23 9.17 29.63 18.43
C GLU B 23 9.88 30.66 19.30
N ASP B 24 10.58 30.21 20.34
CA ASP B 24 11.43 31.11 21.11
C ASP B 24 12.57 31.65 20.25
N MET B 25 13.19 30.78 19.45
CA MET B 25 14.28 31.19 18.57
C MET B 25 13.84 32.30 17.62
N ALA B 26 12.65 32.16 17.03
CA ALA B 26 12.15 33.17 16.11
C ALA B 26 11.92 34.50 16.82
N ALA B 27 11.38 34.46 18.04
CA ALA B 27 11.17 35.70 18.79
C ALA B 27 12.49 36.40 19.09
N PHE B 28 13.52 35.63 19.44
CA PHE B 28 14.84 36.21 19.68
C PHE B 28 15.41 36.83 18.42
N MET B 29 15.28 36.14 17.29
CA MET B 29 15.78 36.69 16.03
C MET B 29 14.95 37.88 15.57
N LYS B 30 13.64 37.85 15.82
CA LYS B 30 12.80 39.00 15.51
C LYS B 30 13.27 40.22 16.29
N GLY B 31 13.58 40.05 17.57
CA GLY B 31 14.10 41.15 18.36
C GLY B 31 15.48 41.62 17.90
N ALA B 32 16.29 40.69 17.37
CA ALA B 32 17.60 41.08 16.86
C ALA B 32 17.46 41.89 15.57
N VAL B 33 16.54 41.49 14.69
CA VAL B 33 16.30 42.26 13.47
C VAL B 33 15.72 43.62 13.79
N GLU B 34 14.77 43.68 14.73
CA GLU B 34 14.16 44.96 15.10
C GLU B 34 15.15 45.95 15.70
N LYS B 35 16.35 45.49 16.09
CA LYS B 35 17.37 46.42 16.58
C LYS B 35 17.86 47.36 15.49
N GLY B 36 17.70 46.99 14.21
CA GLY B 36 18.02 47.85 13.10
C GLY B 36 19.31 47.52 12.38
N GLU B 37 20.19 46.72 12.99
CA GLU B 37 21.46 46.41 12.36
C GLU B 37 21.30 45.29 11.34
N GLU B 38 22.22 45.26 10.38
CA GLU B 38 22.23 44.20 9.38
C GLU B 38 22.59 42.85 10.01
N LEU B 39 22.14 41.78 9.37
CA LEU B 39 22.45 40.42 9.79
C LEU B 39 23.59 39.86 8.97
N SER B 40 24.45 39.08 9.64
CA SER B 40 25.52 38.38 8.96
C SER B 40 24.97 37.12 8.29
N CYS B 41 25.85 36.36 7.64
CA CYS B 41 25.43 35.11 7.02
C CYS B 41 24.92 34.13 8.06
N GLU B 42 25.59 34.05 9.22
CA GLU B 42 25.11 33.21 10.31
C GLU B 42 23.75 33.69 10.80
N GLU B 43 23.63 35.00 11.07
CA GLU B 43 22.38 35.53 11.59
C GLU B 43 21.25 35.45 10.57
N ARG B 44 21.58 35.49 9.28
CA ARG B 44 20.57 35.26 8.24
C ARG B 44 19.97 33.87 8.35
N ASN B 45 20.81 32.85 8.57
CA ASN B 45 20.32 31.49 8.65
C ASN B 45 19.57 31.23 9.95
N LEU B 46 20.04 31.83 11.05
CA LEU B 46 19.33 31.68 12.32
C LEU B 46 17.90 32.21 12.22
N LEU B 47 17.71 33.36 11.58
CA LEU B 47 16.36 33.89 11.38
C LEU B 47 15.53 32.98 10.49
N SER B 48 16.12 32.49 9.41
CA SER B 48 15.36 31.67 8.47
C SER B 48 15.04 30.30 9.05
N VAL B 49 16.03 29.66 9.70
CA VAL B 49 15.80 28.35 10.30
C VAL B 49 14.68 28.41 11.33
N ALA B 50 14.68 29.47 12.16
CA ALA B 50 13.67 29.59 13.21
C ALA B 50 12.26 29.62 12.63
N TYR B 51 12.00 30.55 11.70
CA TYR B 51 10.65 30.70 11.18
C TYR B 51 10.27 29.57 10.23
N LYS B 52 11.23 28.95 9.55
CA LYS B 52 10.90 27.83 8.68
C LYS B 52 10.41 26.64 9.50
N ASN B 53 11.00 26.42 10.67
CA ASN B 53 10.53 25.35 11.56
C ASN B 53 9.15 25.69 12.11
N VAL B 54 8.92 26.95 12.50
CA VAL B 54 7.64 27.34 13.08
C VAL B 54 6.52 27.17 12.05
N VAL B 55 6.69 27.79 10.87
CA VAL B 55 5.66 27.70 9.85
C VAL B 55 5.60 26.28 9.27
N GLY B 56 6.70 25.54 9.34
CA GLY B 56 6.71 24.19 8.80
C GLY B 56 5.78 23.26 9.55
N GLY B 57 5.74 23.37 10.89
CA GLY B 57 4.80 22.57 11.65
C GLY B 57 3.37 23.01 11.47
N GLN B 58 3.16 24.31 11.25
CA GLN B 58 1.80 24.81 11.02
C GLN B 58 1.29 24.36 9.66
N ARG B 59 2.16 24.32 8.65
CA ARG B 59 1.76 23.81 7.35
C ARG B 59 1.42 22.33 7.41
N ALA B 60 2.24 21.54 8.10
CA ALA B 60 1.96 20.11 8.22
C ALA B 60 0.66 19.86 8.97
N ALA B 61 0.39 20.66 10.01
CA ALA B 61 -0.88 20.53 10.73
C ALA B 61 -2.05 20.95 9.86
N TRP B 62 -1.87 22.01 9.06
CA TRP B 62 -2.94 22.46 8.18
C TRP B 62 -3.29 21.40 7.14
N ARG B 63 -2.28 20.73 6.59
CA ARG B 63 -2.52 19.70 5.59
C ARG B 63 -3.25 18.49 6.20
N VAL B 64 -2.92 18.15 7.45
CA VAL B 64 -3.61 17.05 8.11
C VAL B 64 -5.07 17.39 8.34
N LEU B 65 -5.33 18.60 8.86
CA LEU B 65 -6.70 19.02 9.10
C LEU B 65 -7.46 19.22 7.79
N SER B 66 -6.78 19.64 6.73
CA SER B 66 -7.46 19.84 5.45
C SER B 66 -7.87 18.52 4.83
N SER B 67 -7.01 17.50 4.91
CA SER B 67 -7.38 16.19 4.39
C SER B 67 -8.54 15.59 5.17
N ILE B 68 -8.56 15.79 6.49
CA ILE B 68 -9.66 15.33 7.30
C ILE B 68 -10.94 16.10 6.94
N GLU B 69 -10.81 17.40 6.68
CA GLU B 69 -11.98 18.20 6.31
C GLU B 69 -12.57 17.76 4.98
N GLN B 70 -11.71 17.35 4.04
CA GLN B 70 -12.20 16.86 2.75
C GLN B 70 -12.98 15.56 2.93
N LYS B 71 -12.49 14.67 3.79
CA LYS B 71 -13.20 13.42 4.05
C LYS B 71 -14.50 13.66 4.79
N SER B 72 -14.51 14.61 5.72
CA SER B 72 -15.70 14.93 6.49
C SER B 72 -16.79 15.59 5.66
N ASN B 73 -16.44 16.21 4.53
CA ASN B 73 -17.40 16.86 3.67
C ASN B 73 -18.02 15.92 2.65
N GLU B 74 -17.76 14.62 2.75
CA GLU B 74 -18.35 13.65 1.86
C GLU B 74 -19.47 12.86 2.56
N GLU B 79 -21.12 12.56 7.49
CA GLU B 79 -21.84 13.77 7.88
C GLU B 79 -21.58 14.14 9.34
N LYS B 80 -20.48 14.83 9.57
CA LYS B 80 -20.14 15.34 10.89
C LYS B 80 -20.43 16.85 10.96
N GLY B 81 -19.89 17.50 11.98
CA GLY B 81 -20.17 18.89 12.26
C GLY B 81 -19.14 19.92 11.84
N PRO B 82 -19.23 21.10 12.45
CA PRO B 82 -18.27 22.19 12.16
C PRO B 82 -16.89 21.99 12.75
N GLU B 83 -16.72 21.07 13.70
CA GLU B 83 -15.50 21.02 14.51
C GLU B 83 -14.23 21.00 13.68
N VAL B 84 -14.21 20.21 12.60
CA VAL B 84 -13.01 20.11 11.79
C VAL B 84 -12.70 21.43 11.11
N ARG B 85 -13.71 22.08 10.55
CA ARG B 85 -13.50 23.36 9.88
C ARG B 85 -13.03 24.43 10.86
N GLU B 86 -13.63 24.46 12.06
CA GLU B 86 -13.30 25.48 13.03
C GLU B 86 -11.83 25.38 13.47
N TYR B 87 -11.36 24.16 13.73
CA TYR B 87 -9.99 23.99 14.19
C TYR B 87 -9.00 24.23 13.05
N ARG B 88 -9.38 23.83 11.83
CA ARG B 88 -8.52 24.10 10.67
C ARG B 88 -8.36 25.60 10.45
N GLU B 89 -9.44 26.36 10.65
CA GLU B 89 -9.36 27.81 10.50
C GLU B 89 -8.51 28.45 11.57
N LYS B 90 -8.50 27.90 12.79
CA LYS B 90 -7.68 28.46 13.85
C LYS B 90 -6.19 28.24 13.56
N VAL B 91 -5.82 27.05 13.10
CA VAL B 91 -4.45 26.80 12.69
C VAL B 91 -4.09 27.66 11.48
N GLU B 92 -5.05 27.86 10.58
CA GLU B 92 -4.84 28.73 9.43
C GLU B 92 -4.53 30.16 9.85
N THR B 93 -5.14 30.62 10.95
CA THR B 93 -4.89 31.98 11.41
C THR B 93 -3.50 32.12 12.01
N GLU B 94 -3.06 31.13 12.80
CA GLU B 94 -1.71 31.18 13.36
C GLU B 94 -0.66 31.16 12.26
N LEU B 95 -0.88 30.35 11.22
CA LEU B 95 0.06 30.30 10.10
C LEU B 95 0.14 31.64 9.39
N GLN B 96 -1.02 32.27 9.15
CA GLN B 96 -1.04 33.59 8.51
C GLN B 96 -0.36 34.63 9.38
N GLY B 97 -0.52 34.53 10.70
CA GLY B 97 0.15 35.47 11.59
C GLY B 97 1.67 35.34 11.54
N VAL B 98 2.17 34.11 11.42
CA VAL B 98 3.60 33.90 11.31
C VAL B 98 4.13 34.44 9.99
N CYS B 99 3.41 34.16 8.89
CA CYS B 99 3.84 34.66 7.59
C CYS B 99 3.78 36.18 7.55
N ASP B 100 2.74 36.78 8.15
CA ASP B 100 2.65 38.22 8.19
C ASP B 100 3.78 38.84 9.01
N THR B 101 4.23 38.13 10.05
CA THR B 101 5.36 38.62 10.83
C THR B 101 6.65 38.57 10.04
N VAL B 102 6.89 37.47 9.32
CA VAL B 102 8.10 37.34 8.50
C VAL B 102 8.10 38.38 7.39
N LEU B 103 7.01 38.44 6.62
CA LEU B 103 6.92 39.42 5.54
C LEU B 103 6.99 40.84 6.07
N GLY B 104 6.54 41.06 7.31
CA GLY B 104 6.68 42.38 7.92
C GLY B 104 8.12 42.74 8.20
N LEU B 105 8.90 41.78 8.72
CA LEU B 105 10.31 42.04 8.98
C LEU B 105 11.08 42.27 7.68
N LEU B 106 10.71 41.54 6.62
CA LEU B 106 11.43 41.67 5.35
C LEU B 106 11.23 43.03 4.71
N ASP B 107 9.97 43.50 4.62
CA ASP B 107 9.70 44.73 3.91
C ASP B 107 10.11 45.96 4.71
N SER B 108 10.17 45.86 6.03
CA SER B 108 10.42 47.02 6.87
C SER B 108 11.85 47.10 7.40
N HIS B 109 12.65 46.05 7.21
CA HIS B 109 14.00 46.06 7.77
C HIS B 109 14.97 45.45 6.75
N LEU B 110 14.76 44.17 6.41
CA LEU B 110 15.81 43.34 5.82
C LEU B 110 16.05 43.67 4.35
N ILE B 111 14.99 43.65 3.53
CA ILE B 111 15.17 43.84 2.10
C ILE B 111 15.71 45.23 1.80
N LYS B 112 15.22 46.24 2.53
CA LYS B 112 15.69 47.61 2.34
C LYS B 112 17.18 47.74 2.67
N GLU B 113 17.55 47.39 3.90
CA GLU B 113 18.93 47.48 4.35
C GLU B 113 19.67 46.17 4.04
N ALA B 114 19.77 45.90 2.73
CA ALA B 114 20.52 44.74 2.24
C ALA B 114 21.79 45.23 1.54
N GLY B 115 22.94 44.86 2.09
CA GLY B 115 24.21 45.36 1.59
C GLY B 115 24.66 44.74 0.28
N ASP B 116 24.79 43.42 0.26
CA ASP B 116 25.31 42.68 -0.88
C ASP B 116 24.19 41.96 -1.63
N ALA B 117 24.56 41.37 -2.77
CA ALA B 117 23.59 40.62 -3.55
C ALA B 117 23.17 39.34 -2.85
N GLU B 118 24.08 38.71 -2.11
CA GLU B 118 23.75 37.44 -1.45
C GLU B 118 22.62 37.61 -0.45
N SER B 119 22.70 38.66 0.38
CA SER B 119 21.63 38.91 1.33
C SER B 119 20.37 39.37 0.63
N ARG B 120 20.50 40.17 -0.43
CA ARG B 120 19.32 40.70 -1.12
C ARG B 120 18.55 39.59 -1.84
N VAL B 121 19.26 38.63 -2.44
CA VAL B 121 18.57 37.49 -3.05
C VAL B 121 17.97 36.61 -1.97
N PHE B 122 18.69 36.42 -0.86
CA PHE B 122 18.19 35.60 0.25
C PHE B 122 16.87 36.17 0.79
N TYR B 123 16.82 37.48 1.03
CA TYR B 123 15.62 38.08 1.60
C TYR B 123 14.47 38.07 0.61
N LEU B 124 14.74 38.36 -0.67
CA LEU B 124 13.69 38.31 -1.67
C LEU B 124 13.17 36.88 -1.87
N LYS B 125 14.05 35.88 -1.74
CA LYS B 125 13.60 34.50 -1.79
C LYS B 125 12.68 34.18 -0.61
N MET B 126 13.02 34.70 0.58
CA MET B 126 12.15 34.53 1.73
C MET B 126 10.78 35.17 1.49
N LYS B 127 10.76 36.37 0.89
CA LYS B 127 9.50 37.04 0.61
C LYS B 127 8.63 36.18 -0.32
N GLY B 128 9.24 35.60 -1.35
CA GLY B 128 8.48 34.71 -2.22
C GLY B 128 8.04 33.43 -1.52
N ASP B 129 8.87 32.90 -0.62
CA ASP B 129 8.53 31.66 0.08
C ASP B 129 7.32 31.86 0.99
N TYR B 130 7.34 32.91 1.81
CA TYR B 130 6.26 33.10 2.77
C TYR B 130 5.00 33.68 2.15
N TYR B 131 5.10 34.30 0.98
CA TYR B 131 3.89 34.57 0.21
C TYR B 131 3.33 33.28 -0.37
N ARG B 132 4.22 32.36 -0.79
CA ARG B 132 3.78 31.07 -1.29
C ARG B 132 3.08 30.26 -0.19
N TYR B 133 3.56 30.37 1.05
CA TYR B 133 2.89 29.68 2.15
C TYR B 133 1.50 30.26 2.39
N LEU B 134 1.35 31.57 2.20
CA LEU B 134 0.02 32.18 2.30
C LEU B 134 -0.88 31.73 1.17
N ALA B 135 -0.33 31.60 -0.04
CA ALA B 135 -1.11 31.15 -1.19
C ALA B 135 -1.57 29.71 -1.04
N GLU B 136 -0.86 28.92 -0.23
CA GLU B 136 -1.28 27.53 -0.01
C GLU B 136 -2.62 27.47 0.71
N VAL B 137 -2.94 28.47 1.51
CA VAL B 137 -4.20 28.49 2.26
C VAL B 137 -5.18 29.53 1.74
N ALA B 138 -4.75 30.43 0.86
CA ALA B 138 -5.65 31.45 0.35
C ALA B 138 -6.68 30.84 -0.57
N THR B 139 -7.78 31.56 -0.76
CA THR B 139 -8.92 30.99 -1.46
C THR B 139 -9.23 31.75 -2.74
N GLY B 140 -9.83 32.91 -2.59
CA GLY B 140 -10.36 33.59 -3.76
C GLY B 140 -9.64 34.87 -4.06
N ASP B 141 -10.25 35.98 -3.62
CA ASP B 141 -9.71 37.30 -3.92
C ASP B 141 -8.28 37.44 -3.44
N ASP B 142 -7.98 36.94 -2.23
CA ASP B 142 -6.61 37.02 -1.71
C ASP B 142 -5.64 36.20 -2.55
N LYS B 143 -6.07 35.03 -3.02
CA LYS B 143 -5.15 34.08 -3.65
C LYS B 143 -4.40 34.70 -4.82
N LYS B 144 -5.14 35.24 -5.79
CA LYS B 144 -4.47 35.82 -6.96
C LYS B 144 -3.64 37.04 -6.59
N ARG B 145 -4.08 37.82 -5.59
CA ARG B 145 -3.30 38.97 -5.17
C ARG B 145 -2.03 38.52 -4.44
N ILE B 146 -2.09 37.41 -3.71
CA ILE B 146 -0.93 36.89 -3.00
C ILE B 146 0.04 36.24 -3.98
N ILE B 147 -0.47 35.51 -4.97
CA ILE B 147 0.40 34.85 -5.94
C ILE B 147 1.21 35.87 -6.72
N ASP B 148 0.62 37.03 -7.01
CA ASP B 148 1.36 38.06 -7.73
C ASP B 148 2.50 38.62 -6.89
N SER B 149 2.30 38.72 -5.57
CA SER B 149 3.37 39.20 -4.70
C SER B 149 4.52 38.20 -4.62
N ALA B 150 4.20 36.91 -4.63
CA ALA B 150 5.25 35.89 -4.61
C ALA B 150 6.02 35.87 -5.92
N ARG B 151 5.33 35.98 -7.06
CA ARG B 151 6.01 35.98 -8.35
C ARG B 151 6.93 37.19 -8.47
N SER B 152 6.49 38.36 -8.00
CA SER B 152 7.33 39.55 -8.06
C SER B 152 8.56 39.40 -7.18
N ALA B 153 8.38 38.88 -5.96
CA ALA B 153 9.52 38.69 -5.07
C ALA B 153 10.50 37.66 -5.63
N TYR B 154 9.97 36.55 -6.16
CA TYR B 154 10.83 35.54 -6.76
C TYR B 154 11.57 36.10 -7.97
N GLN B 155 10.84 36.81 -8.84
CA GLN B 155 11.45 37.32 -10.07
C GLN B 155 12.54 38.34 -9.77
N GLU B 156 12.31 39.23 -8.80
CA GLU B 156 13.33 40.22 -8.45
C GLU B 156 14.59 39.54 -7.94
N ALA B 157 14.44 38.43 -7.21
CA ALA B 157 15.60 37.68 -6.77
C ALA B 157 16.25 36.95 -7.94
N MET B 158 15.44 36.48 -8.90
CA MET B 158 16.00 35.85 -10.08
C MET B 158 16.85 36.83 -10.89
N ASP B 159 16.38 38.08 -11.01
CA ASP B 159 17.12 39.07 -11.79
C ASP B 159 18.44 39.43 -11.13
N ILE B 160 18.44 39.61 -9.80
CA ILE B 160 19.67 39.95 -9.09
C ILE B 160 20.65 38.78 -9.14
N SER B 161 20.16 37.56 -8.89
CA SER B 161 21.03 36.40 -8.91
C SER B 161 21.58 36.13 -10.32
N ALA B 162 20.80 36.44 -11.35
CA ALA B 162 21.26 36.22 -12.72
C ALA B 162 22.41 37.14 -13.08
N ALA B 163 22.41 38.37 -12.55
CA ALA B 163 23.44 39.35 -12.89
C ALA B 163 24.60 39.38 -11.90
N ALA B 164 24.46 38.75 -10.73
CA ALA B 164 25.46 38.88 -9.68
C ALA B 164 25.99 37.55 -9.16
N MET B 165 25.44 36.42 -9.61
CA MET B 165 25.79 35.14 -9.02
C MET B 165 26.08 34.10 -10.10
N PRO B 166 27.01 33.19 -9.84
CA PRO B 166 27.22 32.08 -10.77
C PRO B 166 26.05 31.11 -10.72
N PRO B 167 25.82 30.36 -11.80
CA PRO B 167 24.68 29.42 -11.80
C PRO B 167 24.83 28.27 -10.82
N THR B 168 25.99 28.10 -10.20
CA THR B 168 26.21 27.07 -9.19
C THR B 168 26.00 27.59 -7.77
N ASN B 169 25.72 28.88 -7.61
CA ASN B 169 25.55 29.48 -6.29
C ASN B 169 24.37 28.83 -5.58
N PRO B 170 24.57 28.29 -4.36
CA PRO B 170 23.47 27.60 -3.67
C PRO B 170 22.27 28.49 -3.41
N ILE B 171 22.47 29.79 -3.24
CA ILE B 171 21.32 30.69 -3.03
C ILE B 171 20.51 30.79 -4.32
N ARG B 172 21.19 30.92 -5.46
CA ARG B 172 20.49 30.95 -6.74
C ARG B 172 19.83 29.61 -7.05
N LEU B 173 20.48 28.51 -6.69
CA LEU B 173 19.91 27.18 -6.92
C LEU B 173 18.66 26.97 -6.07
N GLY B 174 18.77 27.24 -4.77
CA GLY B 174 17.61 27.08 -3.90
C GLY B 174 16.48 28.03 -4.26
N LEU B 175 16.81 29.22 -4.77
CA LEU B 175 15.78 30.13 -5.25
C LEU B 175 15.01 29.52 -6.42
N ALA B 176 15.73 29.02 -7.42
CA ALA B 176 15.08 28.40 -8.57
C ALA B 176 14.32 27.14 -8.19
N LEU B 177 14.83 26.38 -7.21
CA LEU B 177 14.13 25.20 -6.74
C LEU B 177 12.75 25.56 -6.18
N ASN B 178 12.71 26.55 -5.30
CA ASN B 178 11.42 26.97 -4.74
C ASN B 178 10.55 27.66 -5.78
N PHE B 179 11.17 28.39 -6.72
CA PHE B 179 10.40 29.04 -7.76
C PHE B 179 9.75 28.03 -8.69
N SER B 180 10.46 26.96 -9.03
CA SER B 180 9.88 25.92 -9.88
C SER B 180 8.73 25.22 -9.17
N VAL B 181 8.86 25.00 -7.86
CA VAL B 181 7.75 24.45 -7.08
C VAL B 181 6.59 25.42 -7.06
N PHE B 182 6.89 26.73 -6.96
CA PHE B 182 5.84 27.74 -7.05
C PHE B 182 5.07 27.63 -8.36
N HIS B 183 5.79 27.47 -9.47
CA HIS B 183 5.13 27.32 -10.77
C HIS B 183 4.26 26.08 -10.82
N TYR B 184 4.76 24.96 -10.28
CA TYR B 184 4.04 23.69 -10.38
C TYR B 184 2.80 23.68 -9.50
N GLU B 185 2.96 24.02 -8.22
CA GLU B 185 1.86 23.89 -7.27
C GLU B 185 0.92 25.10 -7.32
N ILE B 186 1.48 26.30 -7.27
CA ILE B 186 0.68 27.50 -7.05
C ILE B 186 0.27 28.16 -8.36
N ALA B 187 1.25 28.44 -9.23
CA ALA B 187 0.97 29.16 -10.47
C ALA B 187 0.34 28.30 -11.55
N ASN B 188 0.23 26.98 -11.34
CA ASN B 188 -0.39 26.07 -12.29
C ASN B 188 0.30 26.13 -13.66
N SER B 189 1.63 26.21 -13.63
CA SER B 189 2.46 26.26 -14.85
C SER B 189 3.47 25.12 -14.77
N PRO B 190 3.05 23.88 -15.04
CA PRO B 190 3.99 22.76 -14.93
C PRO B 190 5.08 22.78 -15.99
N GLU B 191 4.79 23.28 -17.19
CA GLU B 191 5.83 23.36 -18.21
C GLU B 191 6.86 24.42 -17.86
N GLU B 192 6.42 25.54 -17.29
CA GLU B 192 7.37 26.54 -16.81
C GLU B 192 8.15 26.03 -15.60
N ALA B 193 7.50 25.22 -14.76
CA ALA B 193 8.20 24.65 -13.61
C ALA B 193 9.30 23.70 -14.07
N ILE B 194 8.99 22.83 -15.03
CA ILE B 194 9.98 21.90 -15.54
C ILE B 194 11.06 22.62 -16.33
N SER B 195 10.66 23.62 -17.12
CA SER B 195 11.64 24.40 -17.89
C SER B 195 12.63 25.10 -16.96
N LEU B 196 12.15 25.69 -15.88
CA LEU B 196 13.03 26.35 -14.93
C LEU B 196 13.95 25.35 -14.25
N ALA B 197 13.42 24.19 -13.86
CA ALA B 197 14.23 23.20 -13.16
C ALA B 197 15.29 22.60 -14.07
N LYS B 198 14.95 22.33 -15.34
CA LYS B 198 15.95 21.82 -16.27
C LYS B 198 17.05 22.85 -16.52
N THR B 199 16.67 24.09 -16.86
CA THR B 199 17.65 25.12 -17.14
C THR B 199 18.56 25.35 -15.94
N THR B 200 17.99 25.41 -14.73
CA THR B 200 18.80 25.59 -13.53
C THR B 200 19.75 24.42 -13.33
N PHE B 201 19.27 23.19 -13.53
CA PHE B 201 20.13 22.02 -13.38
C PHE B 201 21.22 21.99 -14.44
N ASP B 202 20.85 22.24 -15.70
CA ASP B 202 21.83 22.15 -16.79
C ASP B 202 22.92 23.21 -16.66
N GLU B 203 22.53 24.47 -16.45
CA GLU B 203 23.51 25.54 -16.36
C GLU B 203 24.43 25.36 -15.16
N ALA B 204 23.89 24.86 -14.04
CA ALA B 204 24.74 24.56 -12.90
C ALA B 204 25.65 23.36 -13.19
N MET B 205 25.16 22.41 -13.98
CA MET B 205 25.96 21.24 -14.31
C MET B 205 27.18 21.63 -15.14
N ALA B 206 27.01 22.61 -16.04
CA ALA B 206 28.09 22.98 -16.95
C ALA B 206 29.30 23.55 -16.20
N ASP B 207 29.08 24.23 -15.09
CA ASP B 207 30.15 24.90 -14.37
C ASP B 207 30.55 24.16 -13.09
N LEU B 208 30.23 22.88 -12.98
CA LEU B 208 30.54 22.14 -11.77
C LEU B 208 32.03 21.91 -11.60
N HIS B 209 32.78 21.82 -12.70
CA HIS B 209 34.20 21.52 -12.64
C HIS B 209 35.02 22.66 -12.05
N THR B 210 34.48 23.88 -12.04
CA THR B 210 35.21 25.03 -11.52
C THR B 210 35.09 25.18 -10.01
N LEU B 211 34.24 24.39 -9.38
CA LEU B 211 33.95 24.54 -7.96
C LEU B 211 35.08 23.98 -7.09
N SER B 212 35.18 24.49 -5.88
CA SER B 212 36.09 23.96 -4.87
C SER B 212 35.38 22.88 -4.05
N GLU B 213 36.19 22.10 -3.32
CA GLU B 213 35.64 20.96 -2.58
C GLU B 213 34.55 21.37 -1.60
N ASP B 214 34.74 22.50 -0.90
CA ASP B 214 33.74 22.94 0.06
C ASP B 214 32.52 23.61 -0.59
N SER B 215 32.65 24.07 -1.84
CA SER B 215 31.50 24.61 -2.56
C SER B 215 30.81 23.56 -3.42
N TYR B 216 31.54 22.51 -3.81
CA TYR B 216 30.97 21.46 -4.63
C TYR B 216 29.80 20.77 -3.93
N LYS B 217 29.98 20.39 -2.66
CA LYS B 217 28.98 19.61 -1.95
C LYS B 217 27.67 20.37 -1.80
N ASP B 218 27.73 21.69 -1.62
CA ASP B 218 26.52 22.47 -1.41
C ASP B 218 25.72 22.62 -2.71
N SER B 219 26.41 22.75 -3.84
CA SER B 219 25.72 22.93 -5.10
C SER B 219 25.05 21.64 -5.56
N THR B 220 25.77 20.53 -5.50
CA THR B 220 25.22 19.24 -5.93
C THR B 220 24.08 18.78 -5.03
N LEU B 221 24.02 19.24 -3.78
CA LEU B 221 22.91 18.89 -2.92
C LEU B 221 21.60 19.43 -3.47
N ILE B 222 21.58 20.71 -3.85
CA ILE B 222 20.37 21.31 -4.40
C ILE B 222 20.08 20.77 -5.79
N MET B 223 21.12 20.48 -6.58
CA MET B 223 20.92 19.92 -7.91
C MET B 223 20.19 18.59 -7.85
N GLN B 224 20.45 17.79 -6.81
CA GLN B 224 19.71 16.54 -6.66
C GLN B 224 18.24 16.81 -6.35
N LEU B 225 17.95 17.83 -5.53
CA LEU B 225 16.56 18.18 -5.25
C LEU B 225 15.85 18.67 -6.50
N LEU B 226 16.53 19.48 -7.31
CA LEU B 226 15.95 19.88 -8.60
C LEU B 226 15.66 18.66 -9.47
N ARG B 227 16.58 17.72 -9.47
CA ARG B 227 16.45 16.49 -10.29
C ARG B 227 15.38 15.58 -9.70
N ASP B 228 15.20 15.62 -8.39
CA ASP B 228 14.17 14.82 -7.75
C ASP B 228 12.77 15.31 -8.14
N ASN B 229 12.57 16.63 -8.14
CA ASN B 229 11.27 17.16 -8.54
C ASN B 229 10.98 16.88 -10.01
N LEU B 230 12.01 16.98 -10.86
CA LEU B 230 11.82 16.67 -12.27
C LEU B 230 11.40 15.21 -12.48
N THR B 231 11.98 14.30 -11.70
CA THR B 231 11.57 12.90 -11.78
C THR B 231 10.10 12.74 -11.34
N LEU B 232 9.67 13.53 -10.36
CA LEU B 232 8.30 13.45 -9.89
C LEU B 232 7.33 14.12 -10.86
N TRP B 233 7.76 15.19 -11.51
CA TRP B 233 6.88 15.98 -12.36
C TRP B 233 6.79 15.47 -13.79
N THR B 234 7.73 14.63 -14.22
CA THR B 234 7.72 14.13 -15.59
C THR B 234 7.54 12.61 -15.61
N PRO C 2 -21.09 -12.14 2.72
CA PRO C 2 -21.43 -13.39 3.38
C PRO C 2 -20.25 -14.00 4.17
N HIS C 3 -20.38 -14.04 5.48
CA HIS C 3 -19.34 -14.59 6.33
C HIS C 3 -19.19 -16.09 6.13
N MET C 4 -17.94 -16.55 5.96
CA MET C 4 -17.63 -17.97 5.89
C MET C 4 -16.69 -18.38 7.02
N GLU C 5 -16.83 -19.62 7.47
CA GLU C 5 -15.86 -20.19 8.40
C GLU C 5 -14.57 -20.53 7.66
N ARG C 6 -13.45 -20.52 8.40
CA ARG C 6 -12.15 -20.84 7.79
C ARG C 6 -12.16 -22.22 7.17
N ALA C 7 -12.83 -23.18 7.82
CA ALA C 7 -12.92 -24.53 7.24
C ALA C 7 -13.72 -24.52 5.95
N SER C 8 -14.74 -23.67 5.86
CA SER C 8 -15.52 -23.58 4.63
C SER C 8 -14.74 -22.93 3.50
N LEU C 9 -13.88 -21.96 3.82
CA LEU C 9 -13.08 -21.31 2.78
C LEU C 9 -12.06 -22.26 2.19
N ILE C 10 -11.42 -23.09 3.04
CA ILE C 10 -10.49 -24.07 2.54
C ILE C 10 -11.23 -25.17 1.79
N GLN C 11 -12.44 -25.49 2.24
CA GLN C 11 -13.25 -26.51 1.56
C GLN C 11 -13.58 -26.07 0.14
N LYS C 12 -13.99 -24.82 -0.04
CA LYS C 12 -14.27 -24.29 -1.37
C LYS C 12 -13.02 -24.02 -2.18
N ALA C 13 -11.90 -23.77 -1.52
CA ALA C 13 -10.64 -23.60 -2.25
C ALA C 13 -10.20 -24.90 -2.92
N LYS C 14 -10.37 -26.02 -2.23
CA LYS C 14 -10.06 -27.31 -2.86
C LYS C 14 -11.00 -27.59 -4.02
N LEU C 15 -12.27 -27.20 -3.89
CA LEU C 15 -13.20 -27.34 -5.00
C LEU C 15 -12.81 -26.45 -6.16
N ALA C 16 -12.41 -25.21 -5.88
CA ALA C 16 -11.98 -24.31 -6.94
C ALA C 16 -10.75 -24.83 -7.67
N GLU C 17 -9.88 -25.56 -6.95
CA GLU C 17 -8.71 -26.14 -7.61
C GLU C 17 -9.13 -27.30 -8.52
N GLN C 18 -10.10 -28.10 -8.09
CA GLN C 18 -10.60 -29.18 -8.93
C GLN C 18 -11.26 -28.63 -10.19
N ALA C 19 -11.93 -27.48 -10.08
CA ALA C 19 -12.59 -26.85 -11.22
C ALA C 19 -11.65 -25.92 -11.97
N GLU C 20 -10.38 -25.83 -11.57
CA GLU C 20 -9.40 -24.96 -12.22
C GLU C 20 -9.88 -23.51 -12.24
N ARG C 21 -10.53 -23.09 -11.16
CA ARG C 21 -10.97 -21.71 -10.97
C ARG C 21 -9.99 -21.07 -10.00
N TYR C 22 -8.83 -20.67 -10.53
CA TYR C 22 -7.73 -20.24 -9.68
C TYR C 22 -7.91 -18.83 -9.15
N GLU C 23 -8.67 -17.99 -9.85
CA GLU C 23 -9.01 -16.69 -9.27
C GLU C 23 -9.96 -16.86 -8.10
N ASP C 24 -10.92 -17.78 -8.21
CA ASP C 24 -11.77 -18.11 -7.07
C ASP C 24 -10.96 -18.78 -5.97
N MET C 25 -10.08 -19.71 -6.34
CA MET C 25 -9.25 -20.41 -5.36
C MET C 25 -8.40 -19.41 -4.56
N ALA C 26 -7.80 -18.43 -5.23
CA ALA C 26 -6.98 -17.45 -4.52
C ALA C 26 -7.82 -16.62 -3.56
N ALA C 27 -9.02 -16.23 -3.98
CA ALA C 27 -9.89 -15.45 -3.10
C ALA C 27 -10.28 -16.24 -1.86
N PHE C 28 -10.56 -17.54 -2.02
CA PHE C 28 -10.89 -18.37 -0.87
C PHE C 28 -9.69 -18.51 0.06
N MET C 29 -8.50 -18.72 -0.50
CA MET C 29 -7.31 -18.84 0.34
C MET C 29 -6.93 -17.50 0.97
N LYS C 30 -7.15 -16.39 0.26
CA LYS C 30 -6.91 -15.08 0.85
C LYS C 30 -7.77 -14.87 2.08
N GLY C 31 -9.05 -15.24 2.00
CA GLY C 31 -9.92 -15.14 3.16
C GLY C 31 -9.53 -16.08 4.28
N ALA C 32 -8.95 -17.24 3.93
CA ALA C 32 -8.51 -18.18 4.96
C ALA C 32 -7.29 -17.63 5.70
N VAL C 33 -6.37 -16.99 4.98
CA VAL C 33 -5.21 -16.39 5.62
C VAL C 33 -5.63 -15.24 6.53
N GLU C 34 -6.56 -14.41 6.05
CA GLU C 34 -7.04 -13.27 6.84
C GLU C 34 -7.76 -13.70 8.11
N LYS C 35 -8.11 -14.98 8.26
CA LYS C 35 -8.72 -15.45 9.50
C LYS C 35 -7.74 -15.39 10.68
N GLY C 36 -6.44 -15.36 10.42
CA GLY C 36 -5.45 -15.20 11.46
C GLY C 36 -4.71 -16.46 11.86
N GLU C 37 -5.22 -17.62 11.51
CA GLU C 37 -4.57 -18.87 11.88
C GLU C 37 -3.44 -19.21 10.91
N GLU C 38 -2.51 -20.03 11.40
CA GLU C 38 -1.40 -20.51 10.58
C GLU C 38 -1.90 -21.44 9.48
N LEU C 39 -1.11 -21.54 8.42
CA LEU C 39 -1.39 -22.46 7.33
C LEU C 39 -0.55 -23.72 7.49
N SER C 40 -1.16 -24.86 7.18
CA SER C 40 -0.43 -26.11 7.19
C SER C 40 0.36 -26.26 5.89
N CYS C 41 1.09 -27.38 5.78
CA CYS C 41 1.81 -27.66 4.54
C CYS C 41 0.86 -27.79 3.37
N GLU C 42 -0.26 -28.47 3.58
CA GLU C 42 -1.29 -28.57 2.54
C GLU C 42 -1.85 -27.20 2.19
N GLU C 43 -2.26 -26.45 3.23
CA GLU C 43 -2.87 -25.13 2.99
C GLU C 43 -1.86 -24.14 2.42
N ARG C 44 -0.57 -24.29 2.73
CA ARG C 44 0.44 -23.42 2.14
C ARG C 44 0.48 -23.59 0.62
N ASN C 45 0.41 -24.83 0.14
CA ASN C 45 0.46 -25.06 -1.30
C ASN C 45 -0.82 -24.62 -1.98
N LEU C 46 -1.97 -24.77 -1.32
CA LEU C 46 -3.21 -24.27 -1.89
C LEU C 46 -3.13 -22.77 -2.16
N LEU C 47 -2.57 -22.02 -1.20
CA LEU C 47 -2.40 -20.58 -1.41
C LEU C 47 -1.41 -20.31 -2.54
N SER C 48 -0.31 -21.05 -2.58
CA SER C 48 0.72 -20.79 -3.58
C SER C 48 0.25 -21.21 -4.97
N VAL C 49 -0.36 -22.39 -5.09
CA VAL C 49 -0.86 -22.84 -6.39
C VAL C 49 -1.87 -21.85 -6.96
N ALA C 50 -2.78 -21.37 -6.11
CA ALA C 50 -3.82 -20.45 -6.58
C ALA C 50 -3.21 -19.19 -7.20
N TYR C 51 -2.36 -18.50 -6.44
CA TYR C 51 -1.83 -17.23 -6.92
C TYR C 51 -0.78 -17.43 -8.01
N LYS C 52 -0.09 -18.57 -8.02
CA LYS C 52 0.89 -18.81 -9.07
C LYS C 52 0.21 -18.96 -10.42
N ASN C 53 -0.96 -19.59 -10.46
CA ASN C 53 -1.72 -19.71 -11.70
C ASN C 53 -2.27 -18.36 -12.14
N VAL C 54 -2.77 -17.57 -11.19
CA VAL C 54 -3.37 -16.27 -11.54
C VAL C 54 -2.32 -15.35 -12.12
N VAL C 55 -1.23 -15.12 -11.39
CA VAL C 55 -0.19 -14.23 -11.88
C VAL C 55 0.53 -14.85 -13.07
N GLY C 56 0.54 -16.18 -13.17
CA GLY C 56 1.22 -16.83 -14.28
C GLY C 56 0.57 -16.52 -15.61
N GLY C 57 -0.77 -16.51 -15.64
CA GLY C 57 -1.46 -16.13 -16.87
C GLY C 57 -1.34 -14.66 -17.19
N GLN C 58 -1.26 -13.81 -16.17
CA GLN C 58 -1.07 -12.39 -16.40
C GLN C 58 0.33 -12.10 -16.91
N ARG C 59 1.33 -12.83 -16.41
CA ARG C 59 2.70 -12.66 -16.91
C ARG C 59 2.81 -13.09 -18.36
N ALA C 60 2.19 -14.22 -18.72
CA ALA C 60 2.23 -14.67 -20.11
C ALA C 60 1.51 -13.68 -21.02
N ALA C 61 0.41 -13.11 -20.54
CA ALA C 61 -0.28 -12.08 -21.32
C ALA C 61 0.56 -10.82 -21.45
N TRP C 62 1.24 -10.44 -20.37
CA TRP C 62 2.09 -9.25 -20.41
C TRP C 62 3.23 -9.41 -21.41
N ARG C 63 3.85 -10.60 -21.46
CA ARG C 63 4.96 -10.82 -22.38
C ARG C 63 4.49 -10.78 -23.83
N VAL C 64 3.31 -11.32 -24.12
CA VAL C 64 2.79 -11.28 -25.48
C VAL C 64 2.50 -9.84 -25.89
N LEU C 65 1.81 -9.09 -25.03
CA LEU C 65 1.49 -7.70 -25.35
C LEU C 65 2.75 -6.83 -25.41
N SER C 66 3.76 -7.15 -24.59
CA SER C 66 4.99 -6.37 -24.60
C SER C 66 5.77 -6.62 -25.89
N SER C 67 5.81 -7.86 -26.36
CA SER C 67 6.50 -8.17 -27.61
C SER C 67 5.81 -7.48 -28.79
N ILE C 68 4.48 -7.44 -28.79
CA ILE C 68 3.74 -6.74 -29.84
C ILE C 68 4.02 -5.25 -29.79
N GLU C 69 4.13 -4.69 -28.59
CA GLU C 69 4.39 -3.26 -28.45
C GLU C 69 5.76 -2.87 -28.99
N GLN C 70 6.75 -3.74 -28.81
CA GLN C 70 8.09 -3.46 -29.34
C GLN C 70 8.10 -3.43 -30.86
N LYS C 71 7.37 -4.35 -31.48
CA LYS C 71 7.32 -4.39 -32.95
C LYS C 71 6.58 -3.18 -33.50
N SER C 72 5.52 -2.74 -32.82
CA SER C 72 4.77 -1.57 -33.28
C SER C 72 5.59 -0.29 -33.10
N ASN C 73 6.53 -0.27 -32.16
CA ASN C 73 7.41 0.86 -31.94
C ASN C 73 8.67 0.77 -32.79
N GLU C 74 8.68 -0.14 -33.75
CA GLU C 74 9.80 -0.33 -34.65
C GLU C 74 9.46 0.38 -35.97
N GLU C 75 10.48 0.54 -36.82
CA GLU C 75 10.30 1.38 -38.01
C GLU C 75 9.21 0.84 -38.92
N GLY C 76 9.16 -0.48 -39.09
CA GLY C 76 8.11 -1.10 -39.87
C GLY C 76 7.27 -2.07 -39.07
N GLU C 79 4.33 2.58 -37.63
CA GLU C 79 3.04 3.26 -37.73
C GLU C 79 1.94 2.42 -37.11
N LYS C 80 1.60 2.71 -35.86
CA LYS C 80 0.58 1.96 -35.14
C LYS C 80 -0.04 2.83 -34.06
N GLY C 81 -1.20 2.42 -33.58
CA GLY C 81 -2.00 3.22 -32.67
C GLY C 81 -1.69 2.98 -31.21
N PRO C 82 -2.33 3.77 -30.34
CA PRO C 82 -2.11 3.64 -28.89
C PRO C 82 -2.71 2.39 -28.25
N GLU C 83 -3.62 1.68 -28.94
CA GLU C 83 -4.37 0.59 -28.32
C GLU C 83 -3.47 -0.44 -27.64
N VAL C 84 -2.33 -0.78 -28.26
CA VAL C 84 -1.46 -1.80 -27.67
C VAL C 84 -0.89 -1.33 -26.33
N ARG C 85 -0.45 -0.07 -26.28
CA ARG C 85 0.09 0.47 -25.03
C ARG C 85 -0.97 0.52 -23.94
N GLU C 86 -2.19 0.92 -24.29
CA GLU C 86 -3.26 1.02 -23.28
C GLU C 86 -3.59 -0.35 -22.70
N TYR C 87 -3.70 -1.37 -23.55
CA TYR C 87 -4.10 -2.69 -23.06
C TYR C 87 -2.98 -3.36 -22.28
N ARG C 88 -1.73 -3.16 -22.70
CA ARG C 88 -0.61 -3.72 -21.95
C ARG C 88 -0.52 -3.09 -20.56
N GLU C 89 -0.80 -1.80 -20.45
CA GLU C 89 -0.78 -1.14 -19.15
C GLU C 89 -1.90 -1.63 -18.25
N LYS C 90 -3.05 -1.98 -18.84
CA LYS C 90 -4.14 -2.52 -18.03
C LYS C 90 -3.79 -3.90 -17.48
N VAL C 91 -3.19 -4.76 -18.32
CA VAL C 91 -2.73 -6.05 -17.85
C VAL C 91 -1.58 -5.88 -16.85
N GLU C 92 -0.70 -4.90 -17.10
CA GLU C 92 0.37 -4.62 -16.14
C GLU C 92 -0.18 -4.17 -14.80
N THR C 93 -1.30 -3.45 -14.80
CA THR C 93 -1.90 -3.00 -13.54
C THR C 93 -2.51 -4.17 -12.78
N GLU C 94 -3.21 -5.06 -13.48
CA GLU C 94 -3.79 -6.23 -12.83
C GLU C 94 -2.69 -7.11 -12.23
N LEU C 95 -1.59 -7.29 -12.95
CA LEU C 95 -0.48 -8.09 -12.44
C LEU C 95 0.11 -7.47 -11.18
N GLN C 96 0.33 -6.15 -11.20
CA GLN C 96 0.87 -5.47 -10.02
C GLN C 96 -0.11 -5.54 -8.85
N GLY C 97 -1.41 -5.46 -9.13
CA GLY C 97 -2.38 -5.57 -8.06
C GLY C 97 -2.38 -6.93 -7.39
N VAL C 98 -2.20 -7.99 -8.19
CA VAL C 98 -2.14 -9.34 -7.64
C VAL C 98 -0.87 -9.53 -6.81
N CYS C 99 0.27 -9.04 -7.31
CA CYS C 99 1.52 -9.18 -6.58
C CYS C 99 1.47 -8.40 -5.27
N ASP C 100 0.89 -7.21 -5.28
CA ASP C 100 0.74 -6.45 -4.04
C ASP C 100 -0.19 -7.16 -3.06
N THR C 101 -1.18 -7.89 -3.58
CA THR C 101 -2.07 -8.66 -2.70
C THR C 101 -1.32 -9.79 -2.01
N VAL C 102 -0.50 -10.52 -2.77
CA VAL C 102 0.30 -11.60 -2.18
C VAL C 102 1.29 -11.03 -1.17
N LEU C 103 2.06 -10.03 -1.59
CA LEU C 103 3.02 -9.42 -0.68
C LEU C 103 2.34 -8.81 0.54
N GLY C 104 1.08 -8.37 0.38
CA GLY C 104 0.34 -7.90 1.53
C GLY C 104 0.00 -9.00 2.51
N LEU C 105 -0.42 -10.16 1.99
CA LEU C 105 -0.72 -11.30 2.87
C LEU C 105 0.53 -11.79 3.57
N LEU C 106 1.67 -11.78 2.88
CA LEU C 106 2.91 -12.30 3.46
C LEU C 106 3.40 -11.43 4.61
N ASP C 107 3.46 -10.11 4.38
CA ASP C 107 4.05 -9.22 5.38
C ASP C 107 3.12 -9.00 6.57
N SER C 108 1.82 -9.16 6.38
CA SER C 108 0.85 -8.83 7.43
C SER C 108 0.30 -10.05 8.16
N HIS C 109 0.58 -11.26 7.68
CA HIS C 109 0.02 -12.46 8.32
C HIS C 109 1.01 -13.61 8.36
N LEU C 110 1.56 -13.99 7.21
CA LEU C 110 2.22 -15.30 7.08
C LEU C 110 3.63 -15.28 7.65
N ILE C 111 4.47 -14.34 7.19
CA ILE C 111 5.87 -14.36 7.59
C ILE C 111 6.00 -14.13 9.10
N LYS C 112 5.16 -13.24 9.65
CA LYS C 112 5.20 -12.97 11.08
C LYS C 112 4.83 -14.20 11.89
N GLU C 113 3.62 -14.73 11.67
CA GLU C 113 3.14 -15.89 12.41
C GLU C 113 3.52 -17.20 11.70
N ALA C 114 4.83 -17.42 11.62
CA ALA C 114 5.40 -18.64 11.06
C ALA C 114 6.00 -19.47 12.19
N GLY C 115 5.46 -20.67 12.40
CA GLY C 115 5.87 -21.49 13.52
C GLY C 115 7.26 -22.08 13.38
N ASP C 116 7.48 -22.84 12.31
CA ASP C 116 8.75 -23.54 12.11
C ASP C 116 9.57 -22.85 11.03
N ALA C 117 10.80 -23.34 10.85
CA ALA C 117 11.68 -22.79 9.83
C ALA C 117 11.20 -23.12 8.43
N GLU C 118 10.59 -24.30 8.26
CA GLU C 118 10.15 -24.73 6.94
C GLU C 118 9.12 -23.76 6.35
N SER C 119 8.14 -23.36 7.16
CA SER C 119 7.13 -22.41 6.68
C SER C 119 7.75 -21.04 6.45
N ARG C 120 8.71 -20.64 7.30
CA ARG C 120 9.33 -19.34 7.13
C ARG C 120 10.13 -19.26 5.84
N VAL C 121 10.80 -20.35 5.46
CA VAL C 121 11.49 -20.39 4.18
C VAL C 121 10.48 -20.37 3.03
N PHE C 122 9.37 -21.09 3.18
CA PHE C 122 8.34 -21.10 2.15
C PHE C 122 7.80 -19.70 1.90
N TYR C 123 7.44 -18.97 2.96
CA TYR C 123 6.85 -17.66 2.81
C TYR C 123 7.87 -16.64 2.30
N LEU C 124 9.10 -16.71 2.80
CA LEU C 124 10.14 -15.79 2.33
C LEU C 124 10.46 -16.03 0.86
N LYS C 125 10.37 -17.28 0.40
CA LYS C 125 10.55 -17.55 -1.02
C LYS C 125 9.42 -16.94 -1.84
N MET C 126 8.18 -17.01 -1.34
CA MET C 126 7.07 -16.37 -2.04
C MET C 126 7.28 -14.87 -2.15
N LYS C 127 7.74 -14.23 -1.08
CA LYS C 127 7.98 -12.79 -1.11
C LYS C 127 9.00 -12.42 -2.17
N GLY C 128 10.08 -13.19 -2.28
CA GLY C 128 11.06 -12.93 -3.33
C GLY C 128 10.50 -13.19 -4.72
N ASP C 129 9.64 -14.21 -4.85
CA ASP C 129 9.07 -14.54 -6.15
C ASP C 129 8.18 -13.40 -6.67
N TYR C 130 7.27 -12.91 -5.82
CA TYR C 130 6.32 -11.91 -6.27
C TYR C 130 6.92 -10.51 -6.33
N TYR C 131 8.04 -10.27 -5.66
CA TYR C 131 8.82 -9.07 -5.96
C TYR C 131 9.54 -9.22 -7.30
N ARG C 132 10.01 -10.42 -7.60
CA ARG C 132 10.63 -10.66 -8.91
C ARG C 132 9.62 -10.48 -10.03
N TYR C 133 8.37 -10.89 -9.80
CA TYR C 133 7.33 -10.66 -10.81
C TYR C 133 7.08 -9.18 -11.01
N LEU C 134 7.17 -8.39 -9.93
CA LEU C 134 7.05 -6.94 -10.05
C LEU C 134 8.25 -6.35 -10.79
N ALA C 135 9.44 -6.89 -10.56
CA ALA C 135 10.63 -6.39 -11.24
C ALA C 135 10.61 -6.69 -12.73
N GLU C 136 9.87 -7.71 -13.17
CA GLU C 136 9.77 -8.01 -14.59
C GLU C 136 9.06 -6.87 -15.34
N VAL C 137 8.19 -6.13 -14.67
CA VAL C 137 7.44 -5.05 -15.30
C VAL C 137 7.88 -3.68 -14.81
N ALA C 138 8.70 -3.58 -13.77
CA ALA C 138 9.12 -2.30 -13.23
C ALA C 138 10.05 -1.60 -14.20
N THR C 139 10.18 -0.28 -14.02
CA THR C 139 10.90 0.55 -14.97
C THR C 139 12.13 1.22 -14.37
N GLY C 140 11.93 2.25 -13.55
CA GLY C 140 13.06 3.06 -13.13
C GLY C 140 13.42 3.01 -11.66
N ASP C 141 13.07 4.07 -10.91
CA ASP C 141 13.44 4.14 -9.50
C ASP C 141 12.88 2.97 -8.71
N ASP C 142 11.62 2.60 -8.99
CA ASP C 142 11.01 1.47 -8.30
C ASP C 142 11.76 0.17 -8.60
N LYS C 143 12.25 0.03 -9.84
CA LYS C 143 12.83 -1.23 -10.27
C LYS C 143 13.98 -1.67 -9.37
N LYS C 144 14.94 -0.77 -9.13
CA LYS C 144 16.08 -1.13 -8.27
C LYS C 144 15.67 -1.39 -6.83
N ARG C 145 14.70 -0.64 -6.30
CA ARG C 145 14.24 -0.92 -4.95
C ARG C 145 13.43 -2.22 -4.88
N ILE C 146 12.74 -2.57 -5.96
CA ILE C 146 12.00 -3.83 -5.97
C ILE C 146 12.97 -4.99 -6.02
N ILE C 147 14.03 -4.86 -6.83
CA ILE C 147 15.03 -5.91 -6.93
C ILE C 147 15.73 -6.13 -5.59
N ASP C 148 15.94 -5.05 -4.84
CA ASP C 148 16.58 -5.18 -3.53
C ASP C 148 15.68 -5.93 -2.56
N SER C 149 14.36 -5.72 -2.65
CA SER C 149 13.45 -6.44 -1.77
C SER C 149 13.42 -7.92 -2.10
N ALA C 150 13.55 -8.27 -3.38
CA ALA C 150 13.60 -9.68 -3.77
C ALA C 150 14.90 -10.32 -3.30
N ARG C 151 16.02 -9.61 -3.43
CA ARG C 151 17.30 -10.16 -2.97
C ARG C 151 17.28 -10.41 -1.46
N SER C 152 16.67 -9.50 -0.70
CA SER C 152 16.60 -9.66 0.75
C SER C 152 15.75 -10.87 1.13
N ALA C 153 14.60 -11.03 0.49
CA ALA C 153 13.73 -12.17 0.80
C ALA C 153 14.37 -13.49 0.39
N TYR C 154 14.97 -13.53 -0.80
CA TYR C 154 15.65 -14.74 -1.26
C TYR C 154 16.83 -15.09 -0.36
N GLN C 155 17.66 -14.09 -0.03
CA GLN C 155 18.85 -14.35 0.77
C GLN C 155 18.48 -14.81 2.17
N GLU C 156 17.46 -14.19 2.77
CA GLU C 156 17.02 -14.61 4.10
C GLU C 156 16.52 -16.05 4.08
N ALA C 157 15.83 -16.44 3.01
CA ALA C 157 15.38 -17.82 2.90
C ALA C 157 16.54 -18.77 2.63
N MET C 158 17.54 -18.32 1.87
CA MET C 158 18.72 -19.15 1.64
C MET C 158 19.49 -19.40 2.94
N ASP C 159 19.62 -18.37 3.78
CA ASP C 159 20.36 -18.53 5.03
C ASP C 159 19.65 -19.47 5.99
N ILE C 160 18.32 -19.36 6.10
CA ILE C 160 17.58 -20.24 6.99
C ILE C 160 17.60 -21.68 6.46
N SER C 161 17.36 -21.85 5.16
CA SER C 161 17.32 -23.18 4.58
C SER C 161 18.68 -23.88 4.63
N ALA C 162 19.77 -23.11 4.52
CA ALA C 162 21.09 -23.73 4.55
C ALA C 162 21.38 -24.37 5.89
N ALA C 163 20.90 -23.78 6.98
CA ALA C 163 21.13 -24.28 8.32
C ALA C 163 20.02 -25.18 8.83
N ALA C 164 18.89 -25.25 8.12
CA ALA C 164 17.71 -25.93 8.64
C ALA C 164 17.16 -27.02 7.73
N MET C 165 17.68 -27.19 6.52
CA MET C 165 17.11 -28.12 5.57
C MET C 165 18.20 -28.94 4.92
N PRO C 166 17.92 -30.22 4.61
CA PRO C 166 18.87 -31.00 3.83
C PRO C 166 18.89 -30.51 2.39
N PRO C 167 20.00 -30.71 1.67
CA PRO C 167 20.08 -30.21 0.29
C PRO C 167 19.12 -30.88 -0.68
N THR C 168 18.42 -31.93 -0.27
CA THR C 168 17.43 -32.58 -1.12
C THR C 168 16.02 -32.05 -0.90
N ASN C 169 15.83 -31.16 0.07
CA ASN C 169 14.52 -30.62 0.38
C ASN C 169 13.94 -29.87 -0.82
N PRO C 170 12.75 -30.24 -1.29
CA PRO C 170 12.20 -29.57 -2.49
C PRO C 170 12.00 -28.08 -2.31
N ILE C 171 11.75 -27.59 -1.09
CA ILE C 171 11.61 -26.16 -0.89
C ILE C 171 12.96 -25.46 -1.08
N ARG C 172 14.03 -26.06 -0.56
CA ARG C 172 15.36 -25.49 -0.76
C ARG C 172 15.77 -25.55 -2.22
N LEU C 173 15.40 -26.63 -2.92
CA LEU C 173 15.73 -26.75 -4.34
C LEU C 173 15.01 -25.69 -5.17
N GLY C 174 13.69 -25.60 -5.01
CA GLY C 174 12.94 -24.59 -5.75
C GLY C 174 13.34 -23.17 -5.39
N LEU C 175 13.72 -22.94 -4.13
CA LEU C 175 14.19 -21.61 -3.73
C LEU C 175 15.47 -21.25 -4.48
N ALA C 176 16.45 -22.15 -4.50
CA ALA C 176 17.69 -21.87 -5.22
C ALA C 176 17.46 -21.76 -6.73
N LEU C 177 16.52 -22.55 -7.26
CA LEU C 177 16.19 -22.46 -8.67
C LEU C 177 15.66 -21.08 -9.02
N ASN C 178 14.69 -20.59 -8.23
CA ASN C 178 14.15 -19.26 -8.49
C ASN C 178 15.16 -18.16 -8.19
N PHE C 179 16.03 -18.36 -7.20
CA PHE C 179 17.06 -17.37 -6.89
C PHE C 179 18.09 -17.28 -8.01
N SER C 180 18.47 -18.43 -8.59
CA SER C 180 19.41 -18.40 -9.71
C SER C 180 18.80 -17.71 -10.93
N VAL C 181 17.50 -17.93 -11.17
CA VAL C 181 16.83 -17.22 -12.25
C VAL C 181 16.80 -15.73 -11.96
N PHE C 182 16.60 -15.36 -10.68
CA PHE C 182 16.69 -13.96 -10.29
C PHE C 182 18.07 -13.38 -10.63
N HIS C 183 19.13 -14.14 -10.35
CA HIS C 183 20.48 -13.69 -10.70
C HIS C 183 20.63 -13.55 -12.21
N TYR C 184 20.12 -14.51 -12.98
CA TYR C 184 20.33 -14.48 -14.43
C TYR C 184 19.49 -13.40 -15.09
N GLU C 185 18.18 -13.38 -14.83
CA GLU C 185 17.29 -12.47 -15.54
C GLU C 185 17.26 -11.08 -14.90
N ILE C 186 17.10 -11.01 -13.59
CA ILE C 186 16.81 -9.75 -12.93
C ILE C 186 18.09 -9.06 -12.47
N ALA C 187 18.95 -9.76 -11.73
CA ALA C 187 20.17 -9.16 -11.22
C ALA C 187 21.27 -9.08 -12.27
N ASN C 188 21.08 -9.70 -13.43
CA ASN C 188 22.03 -9.66 -14.54
C ASN C 188 23.40 -10.16 -14.12
N SER C 189 23.42 -11.25 -13.34
CA SER C 189 24.64 -11.88 -12.85
C SER C 189 24.62 -13.35 -13.29
N PRO C 190 24.93 -13.63 -14.57
CA PRO C 190 24.87 -15.01 -15.04
C PRO C 190 25.88 -15.93 -14.38
N GLU C 191 27.05 -15.43 -13.97
CA GLU C 191 28.03 -16.27 -13.32
C GLU C 191 27.54 -16.74 -11.95
N GLU C 192 26.86 -15.85 -11.21
CA GLU C 192 26.26 -16.27 -9.95
C GLU C 192 25.08 -17.21 -10.17
N ALA C 193 24.33 -17.01 -11.25
CA ALA C 193 23.20 -17.87 -11.56
C ALA C 193 23.67 -19.30 -11.81
N ILE C 194 24.73 -19.46 -12.61
CA ILE C 194 25.24 -20.78 -12.92
C ILE C 194 25.88 -21.41 -11.70
N SER C 195 26.61 -20.61 -10.91
CA SER C 195 27.26 -21.12 -9.70
C SER C 195 26.24 -21.65 -8.71
N LEU C 196 25.16 -20.90 -8.47
CA LEU C 196 24.13 -21.36 -7.55
C LEU C 196 23.40 -22.59 -8.07
N ALA C 197 23.09 -22.62 -9.36
CA ALA C 197 22.35 -23.76 -9.92
C ALA C 197 23.20 -25.03 -9.91
N LYS C 198 24.50 -24.91 -10.20
CA LYS C 198 25.37 -26.09 -10.16
C LYS C 198 25.50 -26.62 -8.74
N THR C 199 25.82 -25.74 -7.79
CA THR C 199 25.99 -26.17 -6.40
C THR C 199 24.73 -26.81 -5.85
N THR C 200 23.57 -26.23 -6.14
CA THR C 200 22.31 -26.79 -5.65
C THR C 200 22.08 -28.19 -6.21
N PHE C 201 22.36 -28.38 -7.51
CA PHE C 201 22.20 -29.71 -8.11
C PHE C 201 23.19 -30.70 -7.52
N ASP C 202 24.45 -30.31 -7.38
CA ASP C 202 25.47 -31.22 -6.90
C ASP C 202 25.21 -31.67 -5.48
N GLU C 203 24.92 -30.72 -4.58
CA GLU C 203 24.69 -31.06 -3.18
C GLU C 203 23.47 -31.96 -3.01
N ALA C 204 22.41 -31.72 -3.80
CA ALA C 204 21.23 -32.57 -3.76
C ALA C 204 21.48 -33.95 -4.35
N MET C 205 22.35 -34.04 -5.37
CA MET C 205 22.60 -35.33 -6.01
C MET C 205 23.24 -36.33 -5.06
N ALA C 206 24.17 -35.85 -4.22
CA ALA C 206 24.90 -36.75 -3.34
C ALA C 206 24.01 -37.43 -2.32
N ASP C 207 22.96 -36.76 -1.85
CA ASP C 207 22.12 -37.26 -0.76
C ASP C 207 20.78 -37.81 -1.23
N LEU C 208 20.66 -38.16 -2.51
CA LEU C 208 19.37 -38.62 -3.04
C LEU C 208 18.97 -39.98 -2.46
N HIS C 209 19.94 -40.78 -2.03
CA HIS C 209 19.67 -42.12 -1.54
C HIS C 209 18.86 -42.15 -0.26
N THR C 210 18.79 -41.04 0.48
CA THR C 210 18.05 -41.05 1.74
C THR C 210 16.56 -40.83 1.54
N LEU C 211 16.16 -40.44 0.33
CA LEU C 211 14.79 -40.10 0.03
C LEU C 211 13.95 -41.36 -0.18
N SER C 212 12.65 -41.22 0.02
CA SER C 212 11.71 -42.27 -0.32
C SER C 212 11.25 -42.08 -1.76
N GLU C 213 10.61 -43.11 -2.31
CA GLU C 213 10.19 -43.08 -3.71
C GLU C 213 9.34 -41.84 -3.98
N ASP C 214 8.45 -41.48 -3.05
CA ASP C 214 7.63 -40.30 -3.24
C ASP C 214 8.40 -39.00 -2.97
N SER C 215 9.52 -39.07 -2.26
CA SER C 215 10.36 -37.89 -2.10
C SER C 215 11.45 -37.81 -3.16
N TYR C 216 11.86 -38.96 -3.71
CA TYR C 216 12.81 -38.95 -4.83
C TYR C 216 12.23 -38.22 -6.02
N LYS C 217 11.01 -38.59 -6.42
CA LYS C 217 10.40 -38.04 -7.62
C LYS C 217 10.16 -36.54 -7.49
N ASP C 218 9.86 -36.07 -6.28
CA ASP C 218 9.60 -34.63 -6.11
C ASP C 218 10.89 -33.84 -6.17
N SER C 219 11.98 -34.37 -5.62
CA SER C 219 13.25 -33.65 -5.61
C SER C 219 13.90 -33.66 -6.99
N THR C 220 13.96 -34.84 -7.63
CA THR C 220 14.59 -34.94 -8.95
C THR C 220 13.83 -34.17 -10.01
N LEU C 221 12.53 -33.92 -9.81
CA LEU C 221 11.77 -33.10 -10.76
C LEU C 221 12.33 -31.69 -10.80
N ILE C 222 12.57 -31.10 -9.63
CA ILE C 222 13.14 -29.76 -9.56
C ILE C 222 14.60 -29.79 -10.01
N MET C 223 15.32 -30.87 -9.70
CA MET C 223 16.70 -31.00 -10.16
C MET C 223 16.79 -30.98 -11.68
N GLN C 224 15.78 -31.51 -12.36
CA GLN C 224 15.75 -31.45 -13.82
C GLN C 224 15.65 -30.02 -14.31
N LEU C 225 14.87 -29.19 -13.60
CA LEU C 225 14.77 -27.78 -13.97
C LEU C 225 16.12 -27.09 -13.79
N LEU C 226 16.84 -27.42 -12.72
CA LEU C 226 18.20 -26.92 -12.55
C LEU C 226 19.08 -27.34 -13.72
N ARG C 227 19.00 -28.61 -14.13
CA ARG C 227 19.79 -29.09 -15.25
C ARG C 227 19.34 -28.45 -16.57
N ASP C 228 18.04 -28.17 -16.70
CA ASP C 228 17.55 -27.53 -17.92
C ASP C 228 18.11 -26.12 -18.07
N ASN C 229 18.10 -25.33 -16.99
CA ASN C 229 18.63 -23.97 -17.06
C ASN C 229 20.14 -23.97 -17.27
N LEU C 230 20.86 -24.89 -16.63
CA LEU C 230 22.31 -24.97 -16.82
C LEU C 230 22.65 -25.28 -18.27
N THR C 231 21.88 -26.18 -18.90
CA THR C 231 22.06 -26.43 -20.33
C THR C 231 21.72 -25.19 -21.16
N LEU C 232 20.74 -24.42 -20.72
CA LEU C 232 20.32 -23.23 -21.46
C LEU C 232 21.33 -22.09 -21.29
N TRP C 233 21.91 -21.95 -20.10
CA TRP C 233 22.77 -20.81 -19.80
C TRP C 233 24.23 -21.03 -20.17
N THR C 234 24.65 -22.28 -20.37
CA THR C 234 26.05 -22.55 -20.71
C THR C 234 26.18 -23.18 -22.09
N GLY D 1 -15.56 9.28 -36.91
CA GLY D 1 -16.35 9.46 -35.68
C GLY D 1 -16.20 8.31 -34.70
N PRO D 2 -17.28 7.65 -34.23
CA PRO D 2 -17.18 6.55 -33.28
C PRO D 2 -16.81 5.27 -34.02
N HIS D 3 -17.02 5.22 -35.33
CA HIS D 3 -16.60 4.01 -36.03
C HIS D 3 -15.08 3.87 -36.09
N MET D 4 -14.39 4.61 -35.22
CA MET D 4 -12.97 4.46 -34.91
C MET D 4 -12.79 3.87 -33.53
N GLU D 5 -13.79 4.10 -32.66
CA GLU D 5 -13.88 3.42 -31.38
C GLU D 5 -14.13 1.94 -31.61
N ARG D 6 -15.01 1.61 -32.55
CA ARG D 6 -15.24 0.22 -32.92
C ARG D 6 -13.95 -0.43 -33.41
N ALA D 7 -13.14 0.32 -34.16
CA ALA D 7 -11.86 -0.19 -34.63
C ALA D 7 -10.90 -0.45 -33.48
N SER D 8 -10.96 0.39 -32.43
CA SER D 8 -10.11 0.15 -31.27
C SER D 8 -10.58 -1.05 -30.46
N LEU D 9 -11.90 -1.28 -30.40
CA LEU D 9 -12.42 -2.42 -29.68
C LEU D 9 -12.05 -3.73 -30.36
N ILE D 10 -12.12 -3.76 -31.69
CA ILE D 10 -11.73 -4.97 -32.42
C ILE D 10 -10.21 -5.14 -32.38
N GLN D 11 -9.46 -4.04 -32.41
CA GLN D 11 -8.01 -4.13 -32.32
C GLN D 11 -7.58 -4.72 -30.99
N LYS D 12 -8.20 -4.26 -29.90
CA LYS D 12 -7.87 -4.82 -28.58
C LYS D 12 -8.43 -6.22 -28.40
N ALA D 13 -9.48 -6.57 -29.14
CA ALA D 13 -9.98 -7.94 -29.10
C ALA D 13 -8.97 -8.90 -29.72
N LYS D 14 -8.34 -8.49 -30.81
CA LYS D 14 -7.28 -9.30 -31.40
C LYS D 14 -6.09 -9.40 -30.46
N LEU D 15 -5.77 -8.31 -29.75
CA LEU D 15 -4.70 -8.34 -28.77
C LEU D 15 -5.06 -9.25 -27.60
N ALA D 16 -6.31 -9.19 -27.12
CA ALA D 16 -6.73 -10.07 -26.05
C ALA D 16 -6.68 -11.53 -26.46
N GLU D 17 -6.92 -11.82 -27.75
CA GLU D 17 -6.82 -13.19 -28.23
C GLU D 17 -5.37 -13.65 -28.25
N GLN D 18 -4.45 -12.76 -28.64
CA GLN D 18 -3.03 -13.10 -28.62
C GLN D 18 -2.56 -13.40 -27.21
N ALA D 19 -3.08 -12.67 -26.23
CA ALA D 19 -2.73 -12.86 -24.82
C ALA D 19 -3.61 -13.89 -24.13
N GLU D 20 -4.54 -14.53 -24.86
CA GLU D 20 -5.44 -15.53 -24.30
C GLU D 20 -6.24 -14.97 -23.13
N ARG D 21 -6.65 -13.71 -23.25
CA ARG D 21 -7.50 -13.05 -22.27
C ARG D 21 -8.91 -13.01 -22.85
N TYR D 22 -9.60 -14.15 -22.74
CA TYR D 22 -10.86 -14.32 -23.45
C TYR D 22 -12.03 -13.60 -22.78
N GLU D 23 -11.96 -13.38 -21.46
CA GLU D 23 -12.98 -12.55 -20.84
C GLU D 23 -12.84 -11.10 -21.27
N ASP D 24 -11.60 -10.61 -21.38
CA ASP D 24 -11.38 -9.29 -21.98
C ASP D 24 -11.77 -9.28 -23.45
N MET D 25 -11.39 -10.34 -24.18
CA MET D 25 -11.74 -10.42 -25.60
C MET D 25 -13.24 -10.36 -25.81
N ALA D 26 -14.01 -11.08 -24.98
CA ALA D 26 -15.47 -11.06 -25.12
C ALA D 26 -16.02 -9.67 -24.85
N ALA D 27 -15.50 -8.99 -23.83
CA ALA D 27 -15.96 -7.63 -23.53
C ALA D 27 -15.66 -6.68 -24.69
N PHE D 28 -14.49 -6.81 -25.30
CA PHE D 28 -14.13 -5.95 -26.43
C PHE D 28 -15.07 -6.19 -27.62
N MET D 29 -15.37 -7.45 -27.91
CA MET D 29 -16.27 -7.75 -29.02
C MET D 29 -17.71 -7.33 -28.71
N LYS D 30 -18.11 -7.46 -27.44
CA LYS D 30 -19.45 -6.99 -27.05
C LYS D 30 -19.62 -5.51 -27.32
N GLY D 31 -18.61 -4.70 -27.00
CA GLY D 31 -18.67 -3.29 -27.29
C GLY D 31 -18.67 -3.00 -28.78
N ALA D 32 -18.00 -3.84 -29.57
CA ALA D 32 -18.00 -3.67 -31.02
C ALA D 32 -19.36 -4.00 -31.60
N VAL D 33 -20.01 -5.06 -31.10
CA VAL D 33 -21.34 -5.40 -31.59
C VAL D 33 -22.35 -4.31 -31.21
N GLU D 34 -22.27 -3.82 -29.98
CA GLU D 34 -23.19 -2.79 -29.51
C GLU D 34 -23.07 -1.48 -30.29
N LYS D 35 -22.01 -1.32 -31.10
CA LYS D 35 -21.89 -0.12 -31.92
C LYS D 35 -22.94 -0.07 -33.01
N GLY D 36 -23.55 -1.19 -33.38
CA GLY D 36 -24.65 -1.24 -34.31
C GLY D 36 -24.28 -1.72 -35.70
N GLU D 37 -23.00 -1.72 -36.06
CA GLU D 37 -22.60 -2.16 -37.38
C GLU D 37 -22.50 -3.68 -37.44
N GLU D 38 -22.62 -4.20 -38.67
CA GLU D 38 -22.51 -5.63 -38.89
C GLU D 38 -21.07 -6.12 -38.66
N LEU D 39 -20.95 -7.41 -38.36
CA LEU D 39 -19.66 -8.05 -38.18
C LEU D 39 -19.28 -8.77 -39.46
N SER D 40 -17.99 -8.71 -39.80
CA SER D 40 -17.48 -9.47 -40.93
C SER D 40 -17.25 -10.93 -40.51
N CYS D 41 -16.77 -11.75 -41.45
CA CYS D 41 -16.45 -13.13 -41.12
C CYS D 41 -15.36 -13.20 -40.06
N GLU D 42 -14.35 -12.33 -40.17
CA GLU D 42 -13.31 -12.25 -39.15
C GLU D 42 -13.91 -11.85 -37.80
N GLU D 43 -14.70 -10.77 -37.79
CA GLU D 43 -15.27 -10.29 -36.54
C GLU D 43 -16.30 -11.27 -35.99
N ARG D 44 -16.97 -12.03 -36.86
CA ARG D 44 -17.88 -13.07 -36.38
C ARG D 44 -17.12 -14.12 -35.59
N ASN D 45 -15.95 -14.54 -36.09
CA ASN D 45 -15.18 -15.57 -35.41
C ASN D 45 -14.56 -15.04 -34.13
N LEU D 46 -14.12 -13.78 -34.13
CA LEU D 46 -13.59 -13.17 -32.91
C LEU D 46 -14.63 -13.18 -31.81
N LEU D 47 -15.89 -12.85 -32.15
CA LEU D 47 -16.95 -12.90 -31.16
C LEU D 47 -17.21 -14.33 -30.71
N SER D 48 -17.20 -15.28 -31.64
CA SER D 48 -17.49 -16.67 -31.29
C SER D 48 -16.34 -17.29 -30.49
N VAL D 49 -15.10 -17.06 -30.92
CA VAL D 49 -13.95 -17.60 -30.20
C VAL D 49 -13.91 -17.10 -28.76
N ALA D 50 -14.16 -15.80 -28.57
CA ALA D 50 -14.09 -15.21 -27.25
C ALA D 50 -15.08 -15.86 -26.28
N TYR D 51 -16.36 -15.88 -26.65
CA TYR D 51 -17.39 -16.35 -25.72
C TYR D 51 -17.38 -17.87 -25.57
N LYS D 52 -16.95 -18.60 -26.61
CA LYS D 52 -16.87 -20.05 -26.46
C LYS D 52 -15.80 -20.45 -25.45
N ASN D 53 -14.68 -19.73 -25.43
CA ASN D 53 -13.64 -19.98 -24.44
C ASN D 53 -14.12 -19.62 -23.03
N VAL D 54 -14.83 -18.50 -22.90
CA VAL D 54 -15.31 -18.07 -21.59
C VAL D 54 -16.30 -19.08 -21.02
N VAL D 55 -17.35 -19.38 -21.79
CA VAL D 55 -18.34 -20.33 -21.30
C VAL D 55 -17.78 -21.74 -21.25
N GLY D 56 -16.77 -22.04 -22.07
CA GLY D 56 -16.19 -23.36 -22.07
C GLY D 56 -15.51 -23.70 -20.75
N GLY D 57 -14.81 -22.74 -20.16
CA GLY D 57 -14.21 -22.96 -18.86
C GLY D 57 -15.22 -23.02 -17.74
N GLN D 58 -16.32 -22.27 -17.88
CA GLN D 58 -17.37 -22.33 -16.87
C GLN D 58 -18.12 -23.65 -16.95
N ARG D 59 -18.33 -24.17 -18.17
CA ARG D 59 -18.97 -25.47 -18.32
C ARG D 59 -18.11 -26.57 -17.73
N ALA D 60 -16.80 -26.54 -18.01
CA ALA D 60 -15.91 -27.56 -17.45
C ALA D 60 -15.87 -27.49 -15.93
N ALA D 61 -15.91 -26.29 -15.37
CA ALA D 61 -15.96 -26.15 -13.92
C ALA D 61 -17.29 -26.64 -13.36
N TRP D 62 -18.38 -26.35 -14.05
CA TRP D 62 -19.69 -26.79 -13.58
C TRP D 62 -19.78 -28.32 -13.58
N ARG D 63 -19.22 -28.96 -14.60
CA ARG D 63 -19.26 -30.43 -14.65
C ARG D 63 -18.45 -31.05 -13.51
N VAL D 64 -17.33 -30.43 -13.17
CA VAL D 64 -16.52 -30.94 -12.06
C VAL D 64 -17.27 -30.80 -10.74
N LEU D 65 -17.85 -29.63 -10.49
CA LEU D 65 -18.57 -29.41 -9.24
C LEU D 65 -19.85 -30.26 -9.17
N SER D 66 -20.50 -30.50 -10.30
CA SER D 66 -21.71 -31.33 -10.29
C SER D 66 -21.37 -32.78 -10.02
N SER D 67 -20.27 -33.28 -10.60
CA SER D 67 -19.84 -34.65 -10.33
C SER D 67 -19.49 -34.83 -8.86
N ILE D 68 -18.84 -33.83 -8.26
CA ILE D 68 -18.53 -33.89 -6.83
C ILE D 68 -19.81 -33.86 -6.00
N GLU D 69 -20.79 -33.06 -6.44
CA GLU D 69 -22.04 -32.96 -5.69
C GLU D 69 -22.81 -34.27 -5.74
N GLN D 70 -22.76 -34.98 -6.87
CA GLN D 70 -23.45 -36.26 -6.98
C GLN D 70 -22.86 -37.30 -6.03
N LYS D 71 -21.53 -37.33 -5.91
CA LYS D 71 -20.90 -38.29 -5.02
C LYS D 71 -21.21 -37.99 -3.56
N SER D 72 -21.24 -36.70 -3.20
CA SER D 72 -21.55 -36.32 -1.82
C SER D 72 -23.00 -36.58 -1.46
N ASN D 73 -23.89 -36.61 -2.44
CA ASN D 73 -25.33 -36.84 -2.25
C ASN D 73 -25.72 -38.31 -2.34
N GLU D 74 -24.76 -39.23 -2.25
CA GLU D 74 -25.07 -40.65 -2.34
C GLU D 74 -25.23 -41.27 -0.96
N GLU D 75 -26.05 -42.31 -0.90
CA GLU D 75 -26.33 -42.98 0.37
C GLU D 75 -25.05 -43.58 0.93
N GLY D 76 -24.73 -43.21 2.17
CA GLY D 76 -23.51 -43.69 2.79
C GLY D 76 -22.27 -42.85 2.50
N SER D 77 -22.42 -41.72 1.81
CA SER D 77 -21.29 -40.86 1.50
C SER D 77 -20.81 -40.14 2.75
N GLU D 79 -19.45 -37.03 4.03
CA GLU D 79 -19.55 -35.59 4.28
C GLU D 79 -21.02 -35.16 4.32
N LYS D 80 -21.27 -33.87 4.53
CA LYS D 80 -22.64 -33.37 4.63
C LYS D 80 -22.71 -31.99 3.97
N GLY D 81 -21.61 -31.24 3.97
CA GLY D 81 -21.48 -29.81 4.00
C GLY D 81 -22.12 -29.13 2.80
N PRO D 82 -22.70 -27.96 3.04
CA PRO D 82 -23.36 -27.22 1.96
C PRO D 82 -22.41 -26.59 0.94
N GLU D 83 -21.12 -26.49 1.26
CA GLU D 83 -20.18 -25.72 0.44
C GLU D 83 -20.21 -26.13 -1.02
N VAL D 84 -20.31 -27.44 -1.30
CA VAL D 84 -20.29 -27.88 -2.69
C VAL D 84 -21.49 -27.34 -3.45
N ARG D 85 -22.67 -27.40 -2.84
CA ARG D 85 -23.87 -26.87 -3.49
C ARG D 85 -23.77 -25.37 -3.70
N GLU D 86 -23.26 -24.65 -2.69
CA GLU D 86 -23.14 -23.20 -2.78
C GLU D 86 -22.18 -22.79 -3.90
N TYR D 87 -21.04 -23.47 -3.99
CA TYR D 87 -20.04 -23.09 -4.99
C TYR D 87 -20.48 -23.50 -6.39
N ARG D 88 -21.16 -24.65 -6.51
CA ARG D 88 -21.69 -25.06 -7.80
C ARG D 88 -22.74 -24.08 -8.30
N GLU D 89 -23.58 -23.57 -7.40
CA GLU D 89 -24.60 -22.61 -7.82
C GLU D 89 -24.00 -21.27 -8.22
N LYS D 90 -22.88 -20.87 -7.59
CA LYS D 90 -22.23 -19.62 -7.97
C LYS D 90 -21.65 -19.72 -9.38
N VAL D 91 -20.99 -20.84 -9.70
CA VAL D 91 -20.50 -21.05 -11.05
C VAL D 91 -21.66 -21.18 -12.03
N GLU D 92 -22.74 -21.84 -11.60
CA GLU D 92 -23.92 -21.96 -12.45
C GLU D 92 -24.52 -20.61 -12.79
N THR D 93 -24.47 -19.66 -11.85
CA THR D 93 -25.02 -18.33 -12.11
C THR D 93 -24.16 -17.56 -13.10
N GLU D 94 -22.83 -17.63 -12.95
CA GLU D 94 -21.94 -16.97 -13.90
C GLU D 94 -22.11 -17.52 -15.31
N LEU D 95 -22.27 -18.85 -15.42
CA LEU D 95 -22.48 -19.46 -16.72
C LEU D 95 -23.77 -18.95 -17.36
N GLN D 96 -24.85 -18.89 -16.58
CA GLN D 96 -26.10 -18.37 -17.11
C GLN D 96 -25.99 -16.91 -17.48
N GLY D 97 -25.22 -16.14 -16.71
CA GLY D 97 -25.03 -14.74 -17.05
C GLY D 97 -24.30 -14.55 -18.36
N VAL D 98 -23.33 -15.42 -18.66
CA VAL D 98 -22.63 -15.35 -19.93
C VAL D 98 -23.55 -15.73 -21.08
N CYS D 99 -24.34 -16.79 -20.90
CA CYS D 99 -25.27 -17.21 -21.95
C CYS D 99 -26.33 -16.16 -22.21
N ASP D 100 -26.83 -15.50 -21.16
CA ASP D 100 -27.81 -14.44 -21.33
C ASP D 100 -27.23 -13.26 -22.09
N THR D 101 -25.94 -12.98 -21.89
CA THR D 101 -25.31 -11.87 -22.61
C THR D 101 -25.18 -12.19 -24.10
N VAL D 102 -24.76 -13.41 -24.42
CA VAL D 102 -24.64 -13.80 -25.83
C VAL D 102 -26.00 -13.80 -26.51
N LEU D 103 -26.98 -14.46 -25.91
CA LEU D 103 -28.33 -14.47 -26.49
C LEU D 103 -28.93 -13.07 -26.56
N GLY D 104 -28.53 -12.18 -25.65
CA GLY D 104 -28.98 -10.81 -25.72
C GLY D 104 -28.42 -10.07 -26.93
N LEU D 105 -27.13 -10.25 -27.20
CA LEU D 105 -26.53 -9.62 -28.37
C LEU D 105 -27.10 -10.18 -29.67
N LEU D 106 -27.39 -11.49 -29.69
CA LEU D 106 -27.90 -12.11 -30.90
C LEU D 106 -29.30 -11.61 -31.23
N ASP D 107 -30.20 -11.60 -30.24
CA ASP D 107 -31.59 -11.25 -30.50
C ASP D 107 -31.77 -9.75 -30.72
N SER D 108 -30.89 -8.93 -30.17
CA SER D 108 -31.06 -7.49 -30.22
C SER D 108 -30.16 -6.80 -31.26
N HIS D 109 -29.23 -7.51 -31.88
CA HIS D 109 -28.31 -6.87 -32.82
C HIS D 109 -28.00 -7.77 -34.02
N LEU D 110 -27.54 -8.98 -33.76
CA LEU D 110 -26.89 -9.77 -34.79
C LEU D 110 -27.87 -10.47 -35.72
N ILE D 111 -28.82 -11.22 -35.16
CA ILE D 111 -29.71 -12.03 -36.00
C ILE D 111 -30.60 -11.15 -36.88
N LYS D 112 -31.07 -10.03 -36.34
CA LYS D 112 -31.91 -9.14 -37.12
C LYS D 112 -31.14 -8.57 -38.31
N GLU D 113 -30.03 -7.89 -38.06
CA GLU D 113 -29.26 -7.29 -39.16
C GLU D 113 -28.24 -8.29 -39.68
N ALA D 114 -28.76 -9.37 -40.26
CA ALA D 114 -27.96 -10.38 -40.92
C ALA D 114 -28.17 -10.24 -42.41
N GLY D 115 -27.11 -9.88 -43.14
CA GLY D 115 -27.22 -9.59 -44.55
C GLY D 115 -27.44 -10.83 -45.38
N ASP D 116 -26.52 -11.78 -45.28
CA ASP D 116 -26.54 -13.00 -46.08
C ASP D 116 -27.01 -14.18 -45.24
N ALA D 117 -27.20 -15.31 -45.92
CA ALA D 117 -27.62 -16.53 -45.24
C ALA D 117 -26.53 -17.10 -44.35
N GLU D 118 -25.26 -16.95 -44.74
CA GLU D 118 -24.16 -17.54 -43.98
C GLU D 118 -24.10 -16.97 -42.56
N SER D 119 -24.16 -15.65 -42.45
CA SER D 119 -24.16 -15.02 -41.13
C SER D 119 -25.42 -15.36 -40.36
N ARG D 120 -26.56 -15.44 -41.06
CA ARG D 120 -27.81 -15.75 -40.39
C ARG D 120 -27.80 -17.17 -39.85
N VAL D 121 -27.20 -18.10 -40.59
CA VAL D 121 -27.02 -19.46 -40.07
C VAL D 121 -25.99 -19.46 -38.94
N PHE D 122 -24.93 -18.66 -39.08
CA PHE D 122 -23.92 -18.57 -38.04
C PHE D 122 -24.52 -18.08 -36.72
N TYR D 123 -25.30 -17.00 -36.77
CA TYR D 123 -25.86 -16.44 -35.55
C TYR D 123 -26.94 -17.35 -34.96
N LEU D 124 -27.78 -17.96 -35.81
CA LEU D 124 -28.78 -18.88 -35.31
C LEU D 124 -28.14 -20.12 -34.70
N LYS D 125 -26.99 -20.55 -35.22
CA LYS D 125 -26.25 -21.64 -34.59
C LYS D 125 -25.75 -21.23 -33.22
N MET D 126 -25.29 -19.99 -33.07
CA MET D 126 -24.88 -19.50 -31.76
C MET D 126 -26.06 -19.50 -30.80
N LYS D 127 -27.23 -19.05 -31.26
CA LYS D 127 -28.41 -19.04 -30.40
C LYS D 127 -28.75 -20.44 -29.92
N GLY D 128 -28.71 -21.42 -30.83
CA GLY D 128 -28.96 -22.80 -30.43
C GLY D 128 -27.89 -23.34 -29.51
N ASP D 129 -26.64 -22.95 -29.74
CA ASP D 129 -25.55 -23.43 -28.90
C ASP D 129 -25.68 -22.93 -27.47
N TYR D 130 -25.91 -21.63 -27.30
CA TYR D 130 -25.95 -21.05 -25.96
C TYR D 130 -27.27 -21.31 -25.25
N TYR D 131 -28.34 -21.65 -25.98
CA TYR D 131 -29.50 -22.23 -25.32
C TYR D 131 -29.21 -23.65 -24.87
N ARG D 132 -28.46 -24.40 -25.67
CA ARG D 132 -28.09 -25.76 -25.28
C ARG D 132 -27.22 -25.74 -24.03
N TYR D 133 -26.33 -24.76 -23.91
CA TYR D 133 -25.52 -24.64 -22.71
C TYR D 133 -26.37 -24.32 -21.49
N LEU D 134 -27.44 -23.56 -21.67
CA LEU D 134 -28.37 -23.30 -20.57
C LEU D 134 -29.12 -24.57 -20.18
N ALA D 135 -29.50 -25.39 -21.16
CA ALA D 135 -30.19 -26.65 -20.87
C ALA D 135 -29.30 -27.63 -20.12
N GLU D 136 -27.98 -27.50 -20.24
CA GLU D 136 -27.08 -28.39 -19.50
C GLU D 136 -27.20 -28.18 -17.99
N VAL D 137 -27.56 -26.97 -17.57
CA VAL D 137 -27.68 -26.66 -16.15
C VAL D 137 -29.13 -26.41 -15.72
N ALA D 138 -30.07 -26.32 -16.65
CA ALA D 138 -31.45 -26.05 -16.31
C ALA D 138 -32.07 -27.23 -15.58
N THR D 139 -33.16 -26.95 -14.85
CA THR D 139 -33.74 -27.94 -13.95
C THR D 139 -35.16 -28.34 -14.35
N GLY D 140 -36.14 -27.47 -14.11
CA GLY D 140 -37.52 -27.89 -14.25
C GLY D 140 -38.31 -27.23 -15.36
N ASP D 141 -39.19 -26.29 -15.00
CA ASP D 141 -40.05 -25.64 -15.99
C ASP D 141 -39.22 -24.97 -17.09
N ASP D 142 -38.12 -24.33 -16.70
CA ASP D 142 -37.27 -23.65 -17.67
C ASP D 142 -36.67 -24.63 -18.66
N LYS D 143 -36.33 -25.84 -18.21
CA LYS D 143 -35.61 -26.79 -19.06
C LYS D 143 -36.37 -27.06 -20.35
N LYS D 144 -37.67 -27.39 -20.26
CA LYS D 144 -38.46 -27.66 -21.46
C LYS D 144 -38.58 -26.42 -22.34
N ARG D 145 -38.67 -25.22 -21.74
CA ARG D 145 -38.75 -24.02 -22.56
C ARG D 145 -37.44 -23.71 -23.24
N ILE D 146 -36.32 -24.04 -22.60
CA ILE D 146 -35.01 -23.78 -23.19
C ILE D 146 -34.74 -24.74 -24.34
N ILE D 147 -35.10 -26.01 -24.18
CA ILE D 147 -34.86 -27.01 -25.22
C ILE D 147 -35.61 -26.65 -26.49
N ASP D 148 -36.83 -26.13 -26.36
CA ASP D 148 -37.59 -25.72 -27.53
C ASP D 148 -36.93 -24.52 -28.21
N SER D 149 -36.36 -23.60 -27.42
CA SER D 149 -35.70 -22.45 -28.01
C SER D 149 -34.43 -22.85 -28.74
N ALA D 150 -33.71 -23.85 -28.21
CA ALA D 150 -32.54 -24.35 -28.90
C ALA D 150 -32.93 -25.10 -30.17
N ARG D 151 -33.97 -25.93 -30.09
CA ARG D 151 -34.43 -26.65 -31.27
C ARG D 151 -34.93 -25.69 -32.34
N SER D 152 -35.64 -24.63 -31.94
CA SER D 152 -36.13 -23.66 -32.92
C SER D 152 -34.98 -22.94 -33.60
N ALA D 153 -33.97 -22.51 -32.84
CA ALA D 153 -32.83 -21.84 -33.44
C ALA D 153 -32.04 -22.78 -34.33
N TYR D 154 -31.82 -24.02 -33.87
CA TYR D 154 -31.11 -25.00 -34.69
C TYR D 154 -31.87 -25.32 -35.97
N GLN D 155 -33.18 -25.56 -35.85
CA GLN D 155 -33.98 -25.97 -37.01
C GLN D 155 -34.03 -24.87 -38.06
N GLU D 156 -34.17 -23.61 -37.64
CA GLU D 156 -34.20 -22.51 -38.60
C GLU D 156 -32.89 -22.41 -39.36
N ALA D 157 -31.77 -22.67 -38.67
CA ALA D 157 -30.47 -22.64 -39.34
C ALA D 157 -30.30 -23.83 -40.27
N MET D 158 -30.84 -24.99 -39.89
CA MET D 158 -30.78 -26.16 -40.77
C MET D 158 -31.55 -25.92 -42.06
N ASP D 159 -32.70 -25.27 -41.98
CA ASP D 159 -33.50 -25.01 -43.17
C ASP D 159 -32.81 -24.04 -44.11
N ILE D 160 -32.21 -22.98 -43.57
CA ILE D 160 -31.53 -22.00 -44.40
C ILE D 160 -30.30 -22.62 -45.05
N SER D 161 -29.50 -23.35 -44.26
CA SER D 161 -28.29 -23.95 -44.80
C SER D 161 -28.60 -25.01 -45.87
N ALA D 162 -29.72 -25.71 -45.72
CA ALA D 162 -30.07 -26.76 -46.69
C ALA D 162 -30.35 -26.16 -48.05
N ALA D 163 -30.96 -24.97 -48.11
CA ALA D 163 -31.30 -24.33 -49.37
C ALA D 163 -30.24 -23.36 -49.86
N ALA D 164 -29.26 -23.01 -49.02
CA ALA D 164 -28.31 -21.94 -49.34
C ALA D 164 -26.85 -22.35 -49.27
N MET D 165 -26.53 -23.56 -48.82
CA MET D 165 -25.15 -23.92 -48.59
C MET D 165 -24.84 -25.29 -49.17
N PRO D 166 -23.62 -25.50 -49.65
CA PRO D 166 -23.22 -26.84 -50.07
C PRO D 166 -23.04 -27.74 -48.86
N PRO D 167 -23.19 -29.06 -49.04
CA PRO D 167 -23.05 -29.98 -47.90
C PRO D 167 -21.65 -30.03 -47.30
N THR D 168 -20.66 -29.42 -47.96
CA THR D 168 -19.30 -29.35 -47.45
C THR D 168 -19.04 -28.07 -46.66
N ASN D 169 -20.00 -27.17 -46.60
CA ASN D 169 -19.82 -25.89 -45.94
C ASN D 169 -19.49 -26.08 -44.47
N PRO D 170 -18.37 -25.54 -43.98
CA PRO D 170 -18.00 -25.76 -42.57
C PRO D 170 -19.03 -25.24 -41.58
N ILE D 171 -19.77 -24.19 -41.93
CA ILE D 171 -20.81 -23.70 -41.04
C ILE D 171 -21.97 -24.68 -40.99
N ARG D 172 -22.36 -25.23 -42.14
CA ARG D 172 -23.40 -26.25 -42.17
C ARG D 172 -22.97 -27.53 -41.46
N LEU D 173 -21.69 -27.90 -41.61
CA LEU D 173 -21.19 -29.10 -40.95
C LEU D 173 -21.19 -28.94 -39.44
N GLY D 174 -20.61 -27.85 -38.94
CA GLY D 174 -20.61 -27.61 -37.51
C GLY D 174 -22.00 -27.44 -36.93
N LEU D 175 -22.92 -26.87 -37.70
CA LEU D 175 -24.31 -26.78 -37.26
C LEU D 175 -24.92 -28.16 -37.05
N ALA D 176 -24.78 -29.03 -38.05
CA ALA D 176 -25.33 -30.37 -37.92
C ALA D 176 -24.62 -31.17 -36.82
N LEU D 177 -23.31 -30.93 -36.64
CA LEU D 177 -22.59 -31.59 -35.57
C LEU D 177 -23.17 -31.23 -34.20
N ASN D 178 -23.35 -29.93 -33.96
CA ASN D 178 -23.91 -29.50 -32.68
C ASN D 178 -25.37 -29.89 -32.54
N PHE D 179 -26.13 -29.91 -33.65
CA PHE D 179 -27.52 -30.32 -33.57
C PHE D 179 -27.66 -31.80 -33.23
N SER D 180 -26.78 -32.64 -33.80
CA SER D 180 -26.82 -34.06 -33.47
C SER D 180 -26.47 -34.30 -32.00
N VAL D 181 -25.51 -33.54 -31.46
CA VAL D 181 -25.20 -33.65 -30.04
C VAL D 181 -26.40 -33.19 -29.21
N PHE D 182 -27.10 -32.15 -29.68
CA PHE D 182 -28.32 -31.71 -29.02
C PHE D 182 -29.34 -32.83 -28.96
N HIS D 183 -29.53 -33.55 -30.07
CA HIS D 183 -30.44 -34.69 -30.07
C HIS D 183 -29.99 -35.77 -29.10
N TYR D 184 -28.68 -36.05 -29.08
CA TYR D 184 -28.17 -37.15 -28.25
C TYR D 184 -28.22 -36.80 -26.77
N GLU D 185 -27.67 -35.64 -26.39
CA GLU D 185 -27.53 -35.29 -24.98
C GLU D 185 -28.80 -34.66 -24.42
N ILE D 186 -29.34 -33.66 -25.11
CA ILE D 186 -30.37 -32.81 -24.54
C ILE D 186 -31.77 -33.33 -24.88
N ALA D 187 -32.04 -33.54 -26.17
CA ALA D 187 -33.37 -33.96 -26.61
C ALA D 187 -33.64 -35.44 -26.38
N ASN D 188 -32.62 -36.20 -25.95
CA ASN D 188 -32.77 -37.64 -25.68
C ASN D 188 -33.28 -38.39 -26.90
N SER D 189 -32.73 -38.05 -28.08
CA SER D 189 -33.07 -38.70 -29.34
C SER D 189 -31.80 -39.23 -29.97
N PRO D 190 -31.25 -40.34 -29.47
CA PRO D 190 -30.01 -40.86 -30.04
C PRO D 190 -30.17 -41.38 -31.47
N GLU D 191 -31.35 -41.87 -31.83
CA GLU D 191 -31.56 -42.35 -33.19
C GLU D 191 -31.53 -41.20 -34.19
N GLU D 192 -32.10 -40.06 -33.81
CA GLU D 192 -32.01 -38.87 -34.67
C GLU D 192 -30.60 -38.31 -34.68
N ALA D 193 -29.88 -38.41 -33.57
CA ALA D 193 -28.51 -37.89 -33.50
C ALA D 193 -27.59 -38.63 -34.46
N ILE D 194 -27.65 -39.96 -34.46
CA ILE D 194 -26.80 -40.74 -35.35
C ILE D 194 -27.23 -40.58 -36.79
N SER D 195 -28.55 -40.55 -37.04
CA SER D 195 -29.04 -40.35 -38.39
C SER D 195 -28.59 -39.01 -38.96
N LEU D 196 -28.67 -37.95 -38.15
CA LEU D 196 -28.21 -36.65 -38.60
C LEU D 196 -26.69 -36.64 -38.84
N ALA D 197 -25.94 -37.25 -37.93
CA ALA D 197 -24.48 -37.27 -38.09
C ALA D 197 -24.06 -38.12 -39.28
N LYS D 198 -24.73 -39.25 -39.49
CA LYS D 198 -24.43 -40.09 -40.66
C LYS D 198 -24.74 -39.36 -41.96
N THR D 199 -25.95 -38.82 -42.07
CA THR D 199 -26.35 -38.10 -43.28
C THR D 199 -25.43 -36.93 -43.56
N THR D 200 -25.08 -36.16 -42.52
CA THR D 200 -24.19 -35.02 -42.70
C THR D 200 -22.81 -35.48 -43.18
N PHE D 201 -22.28 -36.56 -42.60
CA PHE D 201 -20.99 -37.07 -43.02
C PHE D 201 -21.03 -37.60 -44.45
N ASP D 202 -22.08 -38.37 -44.79
CA ASP D 202 -22.18 -38.98 -46.11
C ASP D 202 -22.32 -37.91 -47.20
N GLU D 203 -23.24 -36.96 -47.00
CA GLU D 203 -23.47 -35.94 -48.02
C GLU D 203 -22.22 -35.09 -48.25
N ALA D 204 -21.49 -34.78 -47.17
CA ALA D 204 -20.25 -34.03 -47.33
C ALA D 204 -19.17 -34.86 -48.01
N MET D 205 -19.17 -36.18 -47.79
CA MET D 205 -18.15 -37.03 -48.39
C MET D 205 -18.28 -37.06 -49.91
N ALA D 206 -19.51 -37.04 -50.42
CA ALA D 206 -19.73 -37.17 -51.86
C ALA D 206 -19.14 -36.00 -52.64
N ASP D 207 -19.14 -34.81 -52.07
CA ASP D 207 -18.71 -33.61 -52.78
C ASP D 207 -17.31 -33.16 -52.37
N LEU D 208 -16.52 -34.06 -51.80
CA LEU D 208 -15.18 -33.69 -51.31
C LEU D 208 -14.23 -33.40 -52.47
N HIS D 209 -14.44 -34.04 -53.63
CA HIS D 209 -13.50 -33.91 -54.74
C HIS D 209 -13.49 -32.52 -55.35
N THR D 210 -14.55 -31.73 -55.14
CA THR D 210 -14.62 -30.39 -55.71
C THR D 210 -13.92 -29.35 -54.86
N LEU D 211 -13.49 -29.70 -53.65
CA LEU D 211 -12.91 -28.75 -52.73
C LEU D 211 -11.46 -28.44 -53.08
N SER D 212 -11.01 -27.26 -52.68
CA SER D 212 -9.62 -26.86 -52.76
C SER D 212 -8.88 -27.23 -51.47
N GLU D 213 -7.55 -27.13 -51.53
CA GLU D 213 -6.72 -27.54 -50.39
C GLU D 213 -7.16 -26.83 -49.11
N ASP D 214 -7.46 -25.53 -49.19
CA ASP D 214 -7.88 -24.80 -48.02
C ASP D 214 -9.33 -25.04 -47.63
N SER D 215 -10.15 -25.54 -48.56
CA SER D 215 -11.52 -25.92 -48.21
C SER D 215 -11.63 -27.38 -47.81
N TYR D 216 -10.72 -28.22 -48.33
CA TYR D 216 -10.69 -29.62 -47.92
C TYR D 216 -10.39 -29.74 -46.43
N LYS D 217 -9.33 -29.07 -45.97
CA LYS D 217 -8.89 -29.23 -44.59
C LYS D 217 -9.92 -28.70 -43.61
N ASP D 218 -10.64 -27.65 -43.98
CA ASP D 218 -11.64 -27.09 -43.06
C ASP D 218 -12.89 -27.96 -42.98
N SER D 219 -13.28 -28.56 -44.11
CA SER D 219 -14.47 -29.40 -44.10
C SER D 219 -14.18 -30.74 -43.43
N THR D 220 -13.08 -31.39 -43.82
CA THR D 220 -12.73 -32.69 -43.26
C THR D 220 -12.40 -32.62 -41.78
N LEU D 221 -11.99 -31.46 -41.27
CA LEU D 221 -11.74 -31.32 -39.84
C LEU D 221 -13.03 -31.52 -39.05
N ILE D 222 -14.12 -30.87 -39.48
CA ILE D 222 -15.40 -31.02 -38.80
C ILE D 222 -15.96 -32.40 -39.08
N MET D 223 -15.72 -32.96 -40.27
CA MET D 223 -16.15 -34.31 -40.57
C MET D 223 -15.52 -35.32 -39.63
N GLN D 224 -14.29 -35.07 -39.19
CA GLN D 224 -13.66 -35.97 -38.22
C GLN D 224 -14.39 -35.94 -36.90
N LEU D 225 -14.87 -34.77 -36.47
CA LEU D 225 -15.64 -34.69 -35.24
C LEU D 225 -16.96 -35.45 -35.38
N LEU D 226 -17.59 -35.35 -36.54
CA LEU D 226 -18.76 -36.18 -36.82
C LEU D 226 -18.41 -37.65 -36.73
N ARG D 227 -17.27 -38.04 -37.30
CA ARG D 227 -16.82 -39.43 -37.25
C ARG D 227 -16.46 -39.87 -35.84
N ASP D 228 -15.91 -38.95 -35.04
CA ASP D 228 -15.56 -39.30 -33.66
C ASP D 228 -16.81 -39.60 -32.83
N ASN D 229 -17.85 -38.76 -32.96
CA ASN D 229 -19.08 -39.00 -32.21
C ASN D 229 -19.78 -40.26 -32.69
N LEU D 230 -19.78 -40.50 -34.02
CA LEU D 230 -20.38 -41.73 -34.53
C LEU D 230 -19.67 -42.96 -34.00
N THR D 231 -18.35 -42.90 -33.89
CA THR D 231 -17.60 -44.00 -33.28
C THR D 231 -17.98 -44.17 -31.81
N LEU D 232 -18.22 -43.06 -31.11
CA LEU D 232 -18.57 -43.10 -29.70
C LEU D 232 -20.00 -43.57 -29.47
N TRP D 233 -20.93 -43.18 -30.35
CA TRP D 233 -22.34 -43.47 -30.14
C TRP D 233 -22.77 -44.82 -30.67
N THR D 234 -21.98 -45.44 -31.55
CA THR D 234 -22.35 -46.74 -32.10
C THR D 234 -21.34 -47.82 -31.70
N ARG E 3 9.78 11.72 0.79
CA ARG E 3 10.14 11.26 -0.55
C ARG E 3 8.96 11.37 -1.50
N THR E 4 7.74 11.16 -0.98
CA THR E 4 6.55 11.26 -1.81
C THR E 4 6.11 12.70 -2.03
N ARG E 5 6.78 13.66 -1.43
CA ARG E 5 6.45 15.07 -1.57
C ARG E 5 7.56 15.78 -2.34
N ARG E 6 7.20 16.87 -3.01
CA ARG E 6 8.19 17.68 -3.70
C ARG E 6 9.08 18.40 -2.69
N GLU E 7 10.25 18.80 -3.16
CA GLU E 7 11.29 19.31 -2.29
C GLU E 7 11.44 20.84 -2.41
N GLN E 9 13.76 24.26 -0.64
CA GLN E 9 14.97 24.58 0.11
C GLN E 9 14.73 25.79 1.02
N LEU E 10 15.72 26.09 1.87
CA LEU E 10 15.69 27.26 2.74
C LEU E 10 16.60 28.36 2.21
N ARG F 3 9.46 -24.75 -23.25
CA ARG F 3 9.98 -24.55 -24.58
C ARG F 3 11.37 -23.88 -24.54
N THR F 4 11.49 -22.76 -25.24
CA THR F 4 12.73 -21.98 -25.30
C THR F 4 12.95 -21.10 -24.08
N ARG F 5 12.10 -21.18 -23.06
CA ARG F 5 12.19 -20.31 -21.90
C ARG F 5 12.76 -21.04 -20.70
N ARG F 6 13.41 -20.26 -19.81
CA ARG F 6 13.95 -20.81 -18.59
C ARG F 6 12.81 -21.20 -17.64
N GLU F 7 13.13 -22.10 -16.72
CA GLU F 7 12.08 -22.69 -15.89
C GLU F 7 12.17 -22.18 -14.44
N GLN F 9 9.87 -22.68 -10.43
CA GLN F 9 8.98 -23.63 -9.77
C GLN F 9 8.42 -23.14 -8.44
N LEU F 10 7.14 -23.46 -8.21
CA LEU F 10 6.45 -23.18 -6.96
C LEU F 10 7.20 -23.75 -5.75
N ARG G 3 -10.84 -37.08 -27.21
CA ARG G 3 -10.93 -37.48 -25.81
C ARG G 3 -12.10 -38.43 -25.58
N THR G 4 -12.40 -38.71 -24.32
CA THR G 4 -13.50 -39.60 -23.97
C THR G 4 -14.87 -38.90 -24.02
N ARG G 5 -14.91 -37.64 -24.41
CA ARG G 5 -16.14 -36.85 -24.45
C ARG G 5 -16.58 -36.65 -25.89
N ARG G 6 -17.88 -36.47 -26.08
CA ARG G 6 -18.42 -36.22 -27.40
C ARG G 6 -17.96 -34.85 -27.90
N GLU G 7 -17.97 -34.68 -29.22
CA GLU G 7 -17.40 -33.47 -29.80
C GLU G 7 -18.43 -32.49 -30.35
N GLN G 9 -18.54 -28.24 -32.07
CA GLN G 9 -17.68 -27.33 -32.81
C GLN G 9 -18.13 -25.87 -32.75
N LEU G 10 -17.14 -24.98 -32.74
CA LEU G 10 -17.38 -23.54 -32.81
C LEU G 10 -18.14 -23.19 -34.09
N ARG H 3 18.48 5.04 25.29
CA ARG H 3 19.59 5.94 25.53
C ARG H 3 20.23 5.67 26.89
N THR H 4 21.11 6.58 27.31
CA THR H 4 21.79 6.48 28.60
C THR H 4 20.93 6.94 29.77
N ARG H 5 19.67 7.28 29.53
CA ARG H 5 18.80 7.81 30.55
C ARG H 5 17.81 6.75 31.03
N ARG H 6 17.37 6.89 32.28
CA ARG H 6 16.40 5.97 32.86
C ARG H 6 15.02 6.13 32.21
N GLU H 7 14.21 5.09 32.34
CA GLU H 7 12.93 5.06 31.63
C GLU H 7 11.72 5.30 32.51
N GLN H 9 7.10 5.95 31.97
CA GLN H 9 6.07 5.92 30.91
C GLN H 9 4.68 6.20 31.48
N LEU H 10 3.85 6.89 30.68
CA LEU H 10 2.45 7.33 30.94
C LEU H 10 1.63 6.30 31.73
#